data_2Z2O
#
_entry.id   2Z2O
#
_cell.length_a   73.543
_cell.length_b   79.231
_cell.length_c   188.168
_cell.angle_alpha   90.00
_cell.angle_beta   90.00
_cell.angle_gamma   90.00
#
_symmetry.space_group_name_H-M   'P 21 21 21'
#
loop_
_entity.id
_entity.type
_entity.pdbx_description
1 polymer 'virginiamycin B lyase'
2 non-polymer 'CHLORIDE ION'
3 water water
#
_entity_poly.entity_id   1
_entity_poly.type   'polypeptide(L)'
_entity_poly.pdbx_seq_one_letter_code
;MEFKLQELNLTNQDTGPYGITVSDKGKVWITQHKANMISCINLDGKITEYPLPTPDAKVMCLTISSDGEVWFTENAANKI
GRITKKGIIKEYTLPNPDSAPYGITEGPNGDIWFTEMNGNRIGRITDDGKIREYELPNKGSYPSFITLGSDNALWFTENQ
NNAIGRITESGDITEFKIPTPASGPVGITKGNDDALWFVEIIGNKIGRITTSGEITEFKIPTPNARPHAITAGAGIDLWF
TEWGANKIGRLTSNNIIEEYPIQIKSAEPHGICFDGETIWFAMECDKIGKLTLIKDNME
;
_entity_poly.pdbx_strand_id   A,B,C,D
#
loop_
_chem_comp.id
_chem_comp.type
_chem_comp.name
_chem_comp.formula
CL non-polymer 'CHLORIDE ION' 'Cl -1'
#
# COMPACT_ATOMS: atom_id res chain seq x y z
N MET A 1 23.81 17.25 12.21
CA MET A 1 23.84 15.76 12.16
C MET A 1 24.45 15.27 10.85
N GLU A 2 25.77 15.04 10.85
CA GLU A 2 26.41 14.16 9.86
C GLU A 2 26.37 12.75 10.49
N PHE A 3 26.97 11.73 9.86
CA PHE A 3 26.35 10.39 9.98
C PHE A 3 27.18 9.11 9.89
N LYS A 4 26.51 7.99 10.13
CA LYS A 4 27.12 6.65 9.99
C LYS A 4 26.15 5.75 9.19
N LEU A 5 26.69 5.02 8.22
CA LEU A 5 25.92 4.05 7.45
C LEU A 5 26.56 2.68 7.54
N GLN A 6 25.78 1.69 8.00
CA GLN A 6 26.16 0.32 8.04
C GLN A 6 25.22 -0.52 7.16
N GLU A 7 25.77 -1.53 6.49
CA GLU A 7 24.95 -2.41 5.64
C GLU A 7 24.89 -3.77 6.32
N LEU A 8 23.71 -4.38 6.32
CA LEU A 8 23.66 -5.74 6.75
C LEU A 8 23.20 -6.78 5.73
N ASN A 9 23.75 -7.96 5.90
CA ASN A 9 23.56 -9.06 4.99
C ASN A 9 22.44 -9.91 5.43
N LEU A 10 21.61 -10.28 4.47
CA LEU A 10 20.52 -11.20 4.74
C LEU A 10 21.02 -12.63 4.55
N THR A 11 20.14 -13.60 4.80
CA THR A 11 20.61 -15.01 4.84
C THR A 11 21.09 -15.47 3.45
N ASN A 12 20.39 -14.98 2.40
CA ASN A 12 20.85 -15.15 1.02
C ASN A 12 21.09 -13.84 0.34
N GLN A 13 21.80 -13.91 -0.77
CA GLN A 13 21.98 -12.71 -1.62
C GLN A 13 20.89 -12.62 -2.70
N ASP A 14 20.74 -11.40 -3.27
CA ASP A 14 19.81 -11.11 -4.34
C ASP A 14 18.39 -11.47 -3.98
N THR A 15 17.99 -11.20 -2.74
CA THR A 15 16.67 -11.68 -2.30
C THR A 15 15.58 -10.66 -2.61
N GLY A 16 15.98 -9.49 -3.10
CA GLY A 16 15.02 -8.41 -3.40
C GLY A 16 14.27 -7.78 -2.20
N PRO A 17 15.04 -7.35 -1.17
CA PRO A 17 14.43 -6.70 0.01
C PRO A 17 13.71 -5.46 -0.48
N TYR A 18 12.50 -5.26 0.01
CA TYR A 18 11.63 -4.21 -0.55
C TYR A 18 10.89 -3.40 0.54
N GLY A 19 9.97 -4.03 1.28
CA GLY A 19 9.27 -3.33 2.37
C GLY A 19 9.99 -3.56 3.66
N ILE A 20 9.86 -2.63 4.59
CA ILE A 20 10.56 -2.78 5.87
C ILE A 20 9.79 -2.07 6.98
N THR A 21 9.71 -2.68 8.13
CA THR A 21 9.09 -2.01 9.31
C THR A 21 9.79 -2.50 10.56
N VAL A 22 9.54 -1.86 11.71
CA VAL A 22 10.21 -2.23 12.95
CA VAL A 22 10.22 -2.20 12.97
C VAL A 22 9.19 -2.32 14.08
N SER A 23 9.26 -3.38 14.86
CA SER A 23 8.35 -3.58 15.99
C SER A 23 8.69 -2.58 17.10
N ASP A 24 7.75 -2.38 18.00
CA ASP A 24 7.99 -1.48 19.17
C ASP A 24 9.14 -1.94 20.06
N LYS A 25 9.56 -3.19 19.92
CA LYS A 25 10.71 -3.67 20.68
C LYS A 25 12.01 -3.71 19.88
N GLY A 26 11.95 -3.19 18.65
CA GLY A 26 13.10 -3.05 17.83
C GLY A 26 13.44 -4.14 16.82
N LYS A 27 12.54 -5.13 16.58
CA LYS A 27 12.83 -6.24 15.63
C LYS A 27 12.47 -5.71 14.24
N VAL A 28 13.35 -5.91 13.28
CA VAL A 28 13.11 -5.37 11.94
C VAL A 28 12.52 -6.53 11.10
N TRP A 29 11.45 -6.22 10.40
CA TRP A 29 10.73 -7.12 9.49
C TRP A 29 10.83 -6.58 8.07
N ILE A 30 11.14 -7.46 7.13
CA ILE A 30 11.31 -7.10 5.73
CA ILE A 30 11.41 -7.15 5.72
C ILE A 30 10.62 -8.07 4.79
N THR A 31 10.15 -7.56 3.65
CA THR A 31 9.66 -8.43 2.55
C THR A 31 10.83 -8.60 1.60
N GLN A 32 10.92 -9.73 0.96
CA GLN A 32 11.99 -10.02 -0.02
C GLN A 32 11.32 -10.58 -1.25
N HIS A 33 11.13 -9.75 -2.28
CA HIS A 33 10.23 -10.10 -3.39
C HIS A 33 10.87 -11.15 -4.36
N LYS A 34 12.18 -11.24 -4.49
CA LYS A 34 12.77 -12.29 -5.34
C LYS A 34 12.85 -13.62 -4.60
N ALA A 35 13.24 -13.60 -3.34
CA ALA A 35 13.28 -14.85 -2.57
C ALA A 35 11.89 -15.38 -2.21
N ASN A 36 10.87 -14.49 -2.30
CA ASN A 36 9.46 -14.84 -1.99
C ASN A 36 9.35 -15.18 -0.49
N MET A 37 9.88 -14.30 0.35
CA MET A 37 9.87 -14.53 1.82
C MET A 37 9.81 -13.25 2.61
N ILE A 38 9.55 -13.40 3.88
CA ILE A 38 9.65 -12.37 4.87
C ILE A 38 10.72 -12.80 5.88
N SER A 39 11.52 -11.86 6.31
CA SER A 39 12.54 -12.10 7.31
C SER A 39 12.37 -11.14 8.48
N CYS A 40 12.69 -11.65 9.66
CA CYS A 40 12.81 -10.86 10.88
CA CYS A 40 12.85 -10.79 10.83
C CYS A 40 14.28 -10.85 11.34
N ILE A 41 14.81 -9.67 11.72
CA ILE A 41 16.16 -9.56 12.26
C ILE A 41 15.97 -9.15 13.72
N ASN A 42 16.37 -9.98 14.67
CA ASN A 42 16.25 -9.58 16.08
CA ASN A 42 16.28 -9.61 16.10
C ASN A 42 17.37 -8.62 16.50
N LEU A 43 17.28 -8.07 17.71
CA LEU A 43 18.33 -7.19 18.24
C LEU A 43 19.68 -7.84 18.23
N ASP A 44 19.75 -9.14 18.44
CA ASP A 44 21.05 -9.76 18.43
C ASP A 44 21.58 -9.96 17.00
N GLY A 45 20.80 -9.59 15.97
CA GLY A 45 21.24 -9.68 14.57
C GLY A 45 20.92 -11.03 13.91
N LYS A 46 20.32 -11.92 14.64
CA LYS A 46 19.97 -13.21 14.10
C LYS A 46 18.72 -13.07 13.21
N ILE A 47 18.75 -13.72 12.04
CA ILE A 47 17.64 -13.62 11.05
C ILE A 47 16.73 -14.87 11.06
N THR A 48 15.43 -14.69 11.12
CA THR A 48 14.46 -15.80 11.04
C THR A 48 13.73 -15.64 9.73
N GLU A 49 13.69 -16.68 8.91
CA GLU A 49 12.99 -16.64 7.61
C GLU A 49 11.61 -17.24 7.66
N TYR A 50 10.69 -16.57 6.96
CA TYR A 50 9.33 -17.01 6.78
C TYR A 50 9.04 -17.09 5.27
N PRO A 51 9.35 -18.25 4.63
CA PRO A 51 9.11 -18.38 3.19
C PRO A 51 7.60 -18.39 2.91
N LEU A 52 7.14 -17.72 1.84
CA LEU A 52 5.70 -17.70 1.61
C LEU A 52 5.17 -19.10 1.17
N PRO A 53 3.95 -19.47 1.57
CA PRO A 53 3.32 -20.71 1.13
C PRO A 53 3.06 -20.75 -0.38
N THR A 54 2.74 -19.59 -0.94
CA THR A 54 2.49 -19.44 -2.39
C THR A 54 3.70 -19.02 -3.18
N PRO A 55 4.09 -19.83 -4.18
CA PRO A 55 5.25 -19.45 -4.98
C PRO A 55 4.99 -18.19 -5.87
N ASP A 56 6.05 -17.44 -6.15
CA ASP A 56 6.04 -16.32 -7.09
C ASP A 56 4.92 -15.29 -6.78
N ALA A 57 4.84 -14.90 -5.51
CA ALA A 57 3.73 -14.13 -5.02
C ALA A 57 3.96 -12.64 -5.16
N LYS A 58 5.19 -12.22 -5.47
CA LYS A 58 5.64 -10.81 -5.41
C LYS A 58 5.18 -10.07 -4.11
N VAL A 59 5.73 -10.52 -2.97
CA VAL A 59 5.49 -9.88 -1.70
C VAL A 59 6.03 -8.42 -1.74
N MET A 60 5.17 -7.46 -1.38
CA MET A 60 5.52 -6.07 -1.43
C MET A 60 5.62 -5.40 -0.06
N CYS A 61 4.47 -4.95 0.48
CA CYS A 61 4.45 -4.18 1.75
C CYS A 61 4.03 -5.04 2.91
N LEU A 62 4.37 -4.58 4.12
CA LEU A 62 4.04 -5.30 5.34
C LEU A 62 3.78 -4.26 6.41
N THR A 63 3.08 -4.69 7.44
CA THR A 63 2.79 -3.89 8.62
C THR A 63 2.66 -4.79 9.83
N ILE A 64 2.99 -4.26 11.00
CA ILE A 64 2.79 -5.01 12.25
C ILE A 64 1.53 -4.53 12.95
N SER A 65 0.58 -5.41 13.25
CA SER A 65 -0.68 -4.97 13.85
C SER A 65 -0.53 -4.76 15.36
N SER A 66 -1.55 -4.22 16.00
CA SER A 66 -1.55 -3.98 17.43
C SER A 66 -1.36 -5.26 18.19
N ASP A 67 -1.80 -6.39 17.63
CA ASP A 67 -1.58 -7.66 18.35
C ASP A 67 -0.23 -8.36 18.01
N GLY A 68 0.67 -7.65 17.33
CA GLY A 68 1.99 -8.16 17.02
C GLY A 68 2.07 -9.06 15.77
N GLU A 69 0.93 -9.35 15.12
CA GLU A 69 0.97 -10.13 13.88
C GLU A 69 1.46 -9.30 12.71
N VAL A 70 2.06 -9.98 11.76
CA VAL A 70 2.64 -9.30 10.64
C VAL A 70 1.72 -9.53 9.46
N TRP A 71 1.23 -8.46 8.83
CA TRP A 71 0.34 -8.58 7.68
C TRP A 71 1.05 -8.05 6.45
N PHE A 72 0.84 -8.70 5.31
CA PHE A 72 1.53 -8.32 4.08
C PHE A 72 0.72 -8.52 2.80
N THR A 73 1.23 -7.93 1.75
CA THR A 73 0.59 -8.03 0.43
C THR A 73 1.38 -8.91 -0.53
N GLU A 74 0.67 -9.79 -1.26
CA GLU A 74 1.23 -10.57 -2.34
C GLU A 74 0.68 -10.02 -3.66
N ASN A 75 1.43 -9.11 -4.25
CA ASN A 75 1.05 -8.35 -5.42
C ASN A 75 0.74 -9.16 -6.69
N ALA A 76 1.51 -10.23 -6.96
CA ALA A 76 1.30 -11.05 -8.11
C ALA A 76 0.31 -12.20 -7.84
N ALA A 77 0.19 -12.65 -6.58
CA ALA A 77 -0.61 -13.83 -6.30
C ALA A 77 -2.04 -13.43 -5.90
N ASN A 78 -2.32 -12.13 -5.77
CA ASN A 78 -3.68 -11.65 -5.50
C ASN A 78 -4.13 -12.05 -4.11
N LYS A 79 -3.23 -11.92 -3.13
CA LYS A 79 -3.47 -12.40 -1.76
C LYS A 79 -2.97 -11.41 -0.67
N ILE A 80 -3.61 -11.48 0.52
CA ILE A 80 -3.17 -10.84 1.74
C ILE A 80 -2.65 -11.90 2.64
N GLY A 81 -1.45 -11.67 3.19
CA GLY A 81 -0.89 -12.64 4.12
C GLY A 81 -0.87 -12.17 5.54
N ARG A 82 -0.75 -13.12 6.47
CA ARG A 82 -0.65 -12.91 7.88
C ARG A 82 0.27 -13.93 8.55
N ILE A 83 1.22 -13.45 9.38
CA ILE A 83 2.07 -14.29 10.20
C ILE A 83 1.54 -14.12 11.65
N THR A 84 0.93 -15.16 12.15
CA THR A 84 0.48 -15.19 13.58
C THR A 84 1.64 -15.15 14.57
N LYS A 85 1.35 -14.79 15.83
CA LYS A 85 2.40 -14.88 16.86
C LYS A 85 3.01 -16.28 17.00
N LYS A 86 2.29 -17.31 16.55
CA LYS A 86 2.85 -18.66 16.53
C LYS A 86 3.74 -18.92 15.31
N GLY A 87 4.00 -17.90 14.48
CA GLY A 87 4.87 -18.09 13.29
C GLY A 87 4.16 -18.79 12.12
N ILE A 88 2.85 -18.98 12.19
CA ILE A 88 2.13 -19.68 11.14
C ILE A 88 1.65 -18.67 10.06
N ILE A 89 1.89 -18.91 8.77
CA ILE A 89 1.41 -17.97 7.72
C ILE A 89 0.06 -18.44 7.21
N LYS A 90 -0.89 -17.52 7.09
CA LYS A 90 -2.22 -17.79 6.52
C LYS A 90 -2.35 -16.76 5.41
N GLU A 91 -2.85 -17.19 4.24
CA GLU A 91 -3.07 -16.34 3.09
C GLU A 91 -4.55 -16.29 2.79
N TYR A 92 -5.05 -15.12 2.44
CA TYR A 92 -6.42 -14.90 2.01
C TYR A 92 -6.47 -14.38 0.58
N THR A 93 -7.17 -15.10 -0.31
CA THR A 93 -7.27 -14.69 -1.70
C THR A 93 -8.34 -13.59 -1.83
N LEU A 94 -7.93 -12.52 -2.50
CA LEU A 94 -8.86 -11.42 -2.89
C LEU A 94 -9.89 -11.89 -3.90
N PRO A 95 -11.14 -11.38 -3.76
CA PRO A 95 -12.21 -11.95 -4.62
C PRO A 95 -12.07 -11.69 -6.14
N ASN A 96 -11.64 -10.51 -6.50
CA ASN A 96 -11.55 -10.20 -7.92
C ASN A 96 -10.13 -10.56 -8.39
N PRO A 97 -10.03 -11.29 -9.50
CA PRO A 97 -8.72 -11.60 -10.08
C PRO A 97 -7.88 -10.33 -10.39
N ASP A 98 -6.57 -10.51 -10.28
CA ASP A 98 -5.52 -9.53 -10.65
C ASP A 98 -5.71 -8.16 -10.03
N SER A 99 -6.05 -8.12 -8.74
CA SER A 99 -6.31 -6.90 -8.02
C SER A 99 -5.00 -6.22 -7.67
N ALA A 100 -3.92 -6.97 -7.55
CA ALA A 100 -2.58 -6.40 -7.31
C ALA A 100 -2.46 -5.59 -6.00
N PRO A 101 -2.68 -6.27 -4.85
CA PRO A 101 -2.57 -5.56 -3.61
C PRO A 101 -1.15 -4.99 -3.41
N TYR A 102 -1.06 -3.83 -2.77
CA TYR A 102 0.17 -3.15 -2.68
C TYR A 102 0.42 -2.59 -1.24
N GLY A 103 -0.15 -1.42 -0.88
CA GLY A 103 0.15 -0.85 0.42
C GLY A 103 -0.74 -1.52 1.48
N ILE A 104 -0.28 -1.52 2.73
CA ILE A 104 -1.06 -2.15 3.80
C ILE A 104 -0.81 -1.43 5.11
N THR A 105 -1.84 -1.34 5.96
CA THR A 105 -1.72 -0.68 7.25
C THR A 105 -2.85 -1.07 8.20
N GLU A 106 -2.73 -0.73 9.46
CA GLU A 106 -3.82 -0.98 10.42
C GLU A 106 -4.73 0.27 10.47
N GLY A 107 -6.02 0.04 10.45
CA GLY A 107 -7.02 1.05 10.60
C GLY A 107 -7.28 1.46 12.02
N PRO A 108 -8.21 2.40 12.20
CA PRO A 108 -8.45 2.99 13.54
C PRO A 108 -9.06 2.03 14.54
N ASN A 109 -9.77 1.00 14.08
CA ASN A 109 -10.49 0.06 14.94
C ASN A 109 -9.88 -1.30 14.78
N GLY A 110 -8.69 -1.39 14.23
CA GLY A 110 -8.02 -2.65 14.30
C GLY A 110 -8.10 -3.51 13.06
N ASP A 111 -8.92 -3.16 12.09
CA ASP A 111 -8.94 -3.97 10.84
C ASP A 111 -7.67 -3.64 10.04
N ILE A 112 -7.34 -4.47 9.05
CA ILE A 112 -6.21 -4.25 8.21
C ILE A 112 -6.67 -3.71 6.83
N TRP A 113 -6.10 -2.58 6.45
CA TRP A 113 -6.51 -1.94 5.23
C TRP A 113 -5.40 -1.98 4.19
N PHE A 114 -5.78 -2.02 2.92
CA PHE A 114 -4.79 -2.17 1.86
C PHE A 114 -5.27 -1.56 0.53
N THR A 115 -4.30 -1.28 -0.34
CA THR A 115 -4.66 -0.78 -1.67
C THR A 115 -4.58 -2.00 -2.64
N GLU A 116 -5.35 -1.91 -3.72
CA GLU A 116 -5.37 -2.85 -4.81
C GLU A 116 -5.06 -2.00 -6.04
N MET A 117 -3.81 -2.05 -6.49
CA MET A 117 -3.32 -1.04 -7.42
C MET A 117 -4.00 -1.20 -8.82
N ASN A 118 -4.04 -2.41 -9.33
CA ASN A 118 -4.69 -2.66 -10.58
C ASN A 118 -6.22 -2.86 -10.37
N GLY A 119 -6.62 -3.39 -9.23
CA GLY A 119 -8.07 -3.53 -8.94
C GLY A 119 -8.81 -2.19 -8.78
N ASN A 120 -8.07 -1.11 -8.53
CA ASN A 120 -8.66 0.23 -8.35
C ASN A 120 -9.62 0.30 -7.16
N ARG A 121 -9.24 -0.29 -6.04
CA ARG A 121 -10.06 -0.39 -4.85
C ARG A 121 -9.20 -0.28 -3.61
N ILE A 122 -9.86 0.07 -2.50
CA ILE A 122 -9.28 -0.07 -1.15
C ILE A 122 -9.94 -1.31 -0.54
N GLY A 123 -9.16 -2.16 0.07
CA GLY A 123 -9.70 -3.27 0.85
C GLY A 123 -9.45 -3.20 2.32
N ARG A 124 -10.27 -3.95 3.04
CA ARG A 124 -10.25 -4.02 4.47
C ARG A 124 -10.54 -5.47 4.82
N ILE A 125 -9.76 -6.05 5.73
CA ILE A 125 -9.93 -7.43 6.19
C ILE A 125 -9.93 -7.43 7.74
N THR A 126 -10.89 -8.15 8.27
CA THR A 126 -11.06 -8.31 9.74
C THR A 126 -10.19 -9.44 10.29
N ASP A 127 -10.13 -9.54 11.62
CA ASP A 127 -9.35 -10.54 12.32
C ASP A 127 -9.84 -11.95 11.93
N ASP A 128 -11.10 -12.07 11.59
CA ASP A 128 -11.68 -13.34 11.20
C ASP A 128 -11.56 -13.64 9.69
N GLY A 129 -10.91 -12.78 8.93
CA GLY A 129 -10.66 -13.03 7.52
C GLY A 129 -11.75 -12.53 6.56
N LYS A 130 -12.66 -11.67 7.01
CA LYS A 130 -13.72 -11.18 6.14
C LYS A 130 -13.13 -10.00 5.40
N ILE A 131 -13.29 -10.02 4.08
CA ILE A 131 -12.85 -8.95 3.19
C ILE A 131 -13.98 -8.14 2.63
N ARG A 132 -13.77 -6.84 2.72
CA ARG A 132 -14.63 -5.84 2.22
C ARG A 132 -13.81 -4.84 1.36
N GLU A 133 -14.36 -4.34 0.27
CA GLU A 133 -13.69 -3.49 -0.69
C GLU A 133 -14.55 -2.31 -1.09
N TYR A 134 -13.83 -1.24 -1.42
CA TYR A 134 -14.40 0.05 -1.80
C TYR A 134 -13.81 0.39 -3.14
N GLU A 135 -14.67 0.46 -4.16
CA GLU A 135 -14.28 0.90 -5.50
C GLU A 135 -13.96 2.35 -5.55
N LEU A 136 -12.84 2.70 -6.17
CA LEU A 136 -12.49 4.15 -6.31
C LEU A 136 -13.34 4.81 -7.38
N PRO A 137 -13.59 6.10 -7.22
CA PRO A 137 -14.50 6.74 -8.18
C PRO A 137 -14.02 6.89 -9.63
N ASN A 138 -12.71 7.00 -9.85
CA ASN A 138 -12.16 7.21 -11.20
C ASN A 138 -11.30 6.00 -11.60
N LYS A 139 -11.52 5.45 -12.78
CA LYS A 139 -10.84 4.31 -13.28
C LYS A 139 -9.36 4.61 -13.39
N GLY A 140 -8.56 3.57 -13.18
CA GLY A 140 -7.12 3.63 -13.42
C GLY A 140 -6.35 4.59 -12.52
N SER A 141 -6.75 4.66 -11.25
CA SER A 141 -6.14 5.60 -10.27
C SER A 141 -4.85 5.05 -9.65
N TYR A 142 -4.65 3.74 -9.74
CA TYR A 142 -3.42 3.08 -9.19
C TYR A 142 -3.10 3.52 -7.75
N PRO A 143 -3.96 3.19 -6.80
CA PRO A 143 -3.70 3.49 -5.42
C PRO A 143 -2.51 2.66 -4.95
N SER A 144 -1.63 3.30 -4.20
CA SER A 144 -0.32 2.73 -3.95
CA SER A 144 -0.29 2.83 -3.94
C SER A 144 -0.07 2.59 -2.42
N PHE A 145 0.59 3.54 -1.74
CA PHE A 145 0.83 3.41 -0.31
C PHE A 145 -0.36 3.95 0.47
N ILE A 146 -0.53 3.39 1.67
CA ILE A 146 -1.62 3.78 2.55
C ILE A 146 -1.12 3.86 3.98
N THR A 147 -1.67 4.79 4.76
CA THR A 147 -1.29 4.96 6.18
C THR A 147 -2.49 5.49 6.95
N LEU A 148 -2.44 5.38 8.27
CA LEU A 148 -3.54 5.92 9.15
C LEU A 148 -3.18 7.39 9.54
N GLY A 149 -4.09 8.27 9.26
CA GLY A 149 -3.93 9.68 9.67
C GLY A 149 -4.28 9.97 11.13
N SER A 150 -3.89 11.18 11.57
CA SER A 150 -4.17 11.65 12.92
C SER A 150 -5.65 11.88 13.13
N ASP A 151 -6.43 11.97 12.04
CA ASP A 151 -7.87 12.09 12.10
C ASP A 151 -8.59 10.69 12.07
N ASN A 152 -7.85 9.62 12.24
CA ASN A 152 -8.39 8.31 12.18
C ASN A 152 -9.04 7.85 10.86
N ALA A 153 -8.70 8.56 9.78
CA ALA A 153 -9.01 8.12 8.47
C ALA A 153 -7.72 7.52 7.82
N LEU A 154 -7.94 6.67 6.84
CA LEU A 154 -6.84 6.09 6.01
C LEU A 154 -6.51 7.03 4.84
N TRP A 155 -5.23 7.28 4.64
CA TRP A 155 -4.79 8.24 3.60
C TRP A 155 -3.91 7.45 2.64
N PHE A 156 -4.12 7.60 1.35
CA PHE A 156 -3.37 6.86 0.35
C PHE A 156 -3.09 7.68 -0.87
N THR A 157 -2.07 7.28 -1.60
CA THR A 157 -1.69 7.90 -2.87
C THR A 157 -2.38 7.23 -4.05
N GLU A 158 -2.74 8.04 -5.06
CA GLU A 158 -3.30 7.58 -6.30
C GLU A 158 -2.27 7.91 -7.37
N ASN A 159 -1.40 6.93 -7.63
CA ASN A 159 -0.23 7.18 -8.46
C ASN A 159 -0.55 7.69 -9.87
N GLN A 160 -1.65 7.22 -10.46
CA GLN A 160 -2.00 7.66 -11.80
C GLN A 160 -3.19 8.62 -11.90
N ASN A 161 -3.69 9.09 -10.75
CA ASN A 161 -4.72 10.13 -10.70
C ASN A 161 -4.22 11.43 -10.12
N ASN A 162 -2.95 11.50 -9.89
CA ASN A 162 -2.31 12.67 -9.34
C ASN A 162 -3.04 13.22 -8.12
N ALA A 163 -3.38 12.35 -7.16
CA ALA A 163 -4.21 12.74 -6.04
C ALA A 163 -3.80 11.97 -4.78
N ILE A 164 -4.14 12.59 -3.65
CA ILE A 164 -4.13 11.99 -2.34
C ILE A 164 -5.55 11.65 -2.01
N GLY A 165 -5.74 10.40 -1.58
CA GLY A 165 -7.09 9.91 -1.25
C GLY A 165 -7.22 9.78 0.25
N ARG A 166 -8.46 9.96 0.75
CA ARG A 166 -8.77 9.78 2.16
C ARG A 166 -10.01 8.88 2.16
N ILE A 167 -9.97 7.85 2.97
CA ILE A 167 -11.15 6.98 3.20
C ILE A 167 -11.35 6.74 4.68
N THR A 168 -12.59 6.88 5.12
CA THR A 168 -12.92 6.71 6.50
C THR A 168 -13.50 5.30 6.67
N GLU A 169 -13.63 4.94 7.94
CA GLU A 169 -14.11 3.64 8.30
C GLU A 169 -15.53 3.44 7.80
N SER A 170 -16.28 4.54 7.60
CA SER A 170 -17.64 4.44 7.12
C SER A 170 -17.70 4.44 5.59
N GLY A 171 -16.57 4.58 4.89
CA GLY A 171 -16.49 4.49 3.44
C GLY A 171 -16.56 5.82 2.67
N ASP A 172 -16.40 6.92 3.38
CA ASP A 172 -16.38 8.25 2.74
C ASP A 172 -14.97 8.39 2.10
N ILE A 173 -14.96 8.50 0.77
CA ILE A 173 -13.73 8.72 -0.01
C ILE A 173 -13.67 10.14 -0.54
N THR A 174 -12.59 10.83 -0.25
CA THR A 174 -12.42 12.18 -0.74
C THR A 174 -11.03 12.16 -1.44
N GLU A 175 -10.88 12.89 -2.52
CA GLU A 175 -9.61 12.97 -3.23
C GLU A 175 -9.16 14.40 -3.36
N PHE A 176 -7.86 14.63 -3.21
CA PHE A 176 -7.27 15.98 -3.22
C PHE A 176 -6.25 15.98 -4.33
N LYS A 177 -6.54 16.74 -5.40
CA LYS A 177 -5.60 16.78 -6.54
C LYS A 177 -4.30 17.53 -6.14
N ILE A 178 -3.15 16.99 -6.55
CA ILE A 178 -1.88 17.59 -6.30
C ILE A 178 -1.60 18.71 -7.31
N PRO A 179 -1.04 19.82 -6.85
CA PRO A 179 -0.81 20.97 -7.72
C PRO A 179 0.18 20.82 -8.83
N THR A 180 1.18 19.98 -8.64
CA THR A 180 2.15 19.66 -9.65
C THR A 180 1.50 18.65 -10.59
N PRO A 181 1.40 18.97 -11.89
CA PRO A 181 0.71 18.01 -12.75
C PRO A 181 1.40 16.68 -12.87
N ALA A 182 0.62 15.62 -12.95
CA ALA A 182 1.08 14.29 -13.24
C ALA A 182 2.28 13.90 -12.41
N SER A 183 2.20 14.18 -11.13
CA SER A 183 3.39 14.17 -10.25
C SER A 183 3.74 12.78 -9.73
N GLY A 184 2.81 11.82 -9.86
CA GLY A 184 3.10 10.42 -9.45
C GLY A 184 3.38 10.18 -7.97
N PRO A 185 2.38 10.48 -7.10
CA PRO A 185 2.58 10.23 -5.69
C PRO A 185 2.76 8.72 -5.42
N VAL A 186 3.72 8.41 -4.56
CA VAL A 186 4.00 7.02 -4.19
C VAL A 186 3.90 6.84 -2.67
N GLY A 187 5.02 6.93 -1.95
CA GLY A 187 5.00 6.78 -0.49
C GLY A 187 4.15 7.88 0.16
N ILE A 188 3.54 7.48 1.27
CA ILE A 188 2.85 8.40 2.16
C ILE A 188 3.02 7.95 3.58
N THR A 189 3.08 8.88 4.51
CA THR A 189 3.15 8.53 5.91
C THR A 189 2.63 9.64 6.83
N LYS A 190 2.36 9.33 8.10
CA LYS A 190 1.92 10.37 9.06
C LYS A 190 3.17 11.09 9.59
N GLY A 191 3.21 12.41 9.51
CA GLY A 191 4.31 13.17 10.11
C GLY A 191 4.04 13.40 11.61
N ASN A 192 5.07 13.65 12.42
CA ASN A 192 4.79 14.07 13.84
C ASN A 192 4.07 15.40 13.99
N ASP A 193 3.94 16.14 12.90
CA ASP A 193 3.14 17.40 12.91
C ASP A 193 1.68 17.19 12.64
N ASP A 194 1.28 15.92 12.56
CA ASP A 194 -0.09 15.47 12.32
C ASP A 194 -0.59 15.70 10.91
N ALA A 195 0.26 16.17 10.00
CA ALA A 195 -0.11 16.17 8.60
C ALA A 195 0.36 14.83 7.97
N LEU A 196 -0.09 14.60 6.76
CA LEU A 196 0.40 13.45 5.93
C LEU A 196 1.50 13.99 5.01
N TRP A 197 2.55 13.21 4.81
CA TRP A 197 3.67 13.60 4.02
C TRP A 197 3.84 12.51 2.94
N PHE A 198 4.05 12.92 1.72
CA PHE A 198 4.13 11.96 0.57
C PHE A 198 5.31 12.36 -0.37
N VAL A 199 5.68 11.47 -1.28
CA VAL A 199 6.69 11.74 -2.32
C VAL A 199 6.05 11.65 -3.71
N GLU A 200 6.51 12.54 -4.58
CA GLU A 200 6.15 12.56 -5.97
C GLU A 200 7.32 11.99 -6.75
N ILE A 201 7.08 10.85 -7.36
CA ILE A 201 8.17 10.15 -8.08
C ILE A 201 8.60 10.91 -9.37
N ILE A 202 7.65 11.52 -10.03
CA ILE A 202 7.86 12.37 -11.21
C ILE A 202 8.02 13.82 -10.82
N GLY A 203 7.11 14.35 -9.98
CA GLY A 203 7.20 15.79 -9.56
C GLY A 203 8.56 16.10 -8.91
N ASN A 204 9.16 15.07 -8.32
CA ASN A 204 10.48 15.16 -7.64
C ASN A 204 10.38 16.12 -6.50
N LYS A 205 9.32 15.94 -5.71
CA LYS A 205 9.03 16.81 -4.53
C LYS A 205 8.59 15.95 -3.38
N ILE A 206 8.70 16.51 -2.18
CA ILE A 206 8.05 16.03 -0.98
C ILE A 206 6.81 16.88 -0.80
N GLY A 207 5.69 16.19 -0.51
CA GLY A 207 4.45 16.88 -0.31
C GLY A 207 3.99 16.77 1.10
N ARG A 208 3.20 17.75 1.51
CA ARG A 208 2.60 17.77 2.82
C ARG A 208 1.15 18.07 2.65
N ILE A 209 0.30 17.23 3.23
CA ILE A 209 -1.13 17.51 3.15
C ILE A 209 -1.77 17.43 4.52
N THR A 210 -2.38 18.54 4.94
CA THR A 210 -3.12 18.54 6.23
C THR A 210 -4.35 17.63 6.21
N THR A 211 -4.85 17.25 7.39
CA THR A 211 -6.08 16.42 7.41
C THR A 211 -7.27 17.14 6.81
N SER A 212 -7.22 18.48 6.65
CA SER A 212 -8.27 19.23 5.96
CA SER A 212 -8.28 19.23 5.95
C SER A 212 -8.01 19.37 4.47
N GLY A 213 -6.87 18.79 4.02
CA GLY A 213 -6.53 18.73 2.60
C GLY A 213 -5.66 19.82 2.03
N GLU A 214 -5.07 20.66 2.86
CA GLU A 214 -4.16 21.67 2.37
C GLU A 214 -2.77 21.17 2.00
N ILE A 215 -2.32 21.39 0.76
CA ILE A 215 -1.06 20.79 0.23
C ILE A 215 0.02 21.86 0.08
N THR A 216 1.20 21.56 0.55
CA THR A 216 2.37 22.30 0.23
C THR A 216 3.44 21.28 -0.25
N GLU A 217 4.43 21.79 -0.99
CA GLU A 217 5.40 20.95 -1.65
C GLU A 217 6.76 21.56 -1.56
N PHE A 218 7.78 20.71 -1.59
CA PHE A 218 9.18 21.02 -1.33
C PHE A 218 10.01 20.27 -2.34
N LYS A 219 10.78 21.00 -3.15
CA LYS A 219 11.49 20.34 -4.22
CA LYS A 219 11.59 20.42 -4.22
C LYS A 219 12.73 19.60 -3.69
N ILE A 220 12.92 18.40 -4.21
CA ILE A 220 14.06 17.57 -3.82
C ILE A 220 15.29 18.07 -4.57
N PRO A 221 16.40 18.34 -3.85
CA PRO A 221 17.60 18.92 -4.49
C PRO A 221 18.13 18.14 -5.69
N THR A 222 18.29 16.83 -5.55
CA THR A 222 18.77 15.99 -6.65
C THR A 222 17.68 15.73 -7.72
N PRO A 223 17.98 16.15 -8.96
CA PRO A 223 17.08 15.95 -10.08
C PRO A 223 16.92 14.48 -10.38
N ASN A 224 15.73 14.10 -10.78
CA ASN A 224 15.45 12.71 -11.17
C ASN A 224 15.80 11.75 -10.06
N ALA A 225 15.47 12.15 -8.82
CA ALA A 225 15.73 11.29 -7.65
C ALA A 225 14.86 10.05 -7.58
N ARG A 226 13.68 10.09 -8.23
CA ARG A 226 12.69 9.03 -8.17
C ARG A 226 12.48 8.53 -6.71
N PRO A 227 11.95 9.44 -5.87
CA PRO A 227 11.71 9.07 -4.49
C PRO A 227 10.59 8.01 -4.42
N HIS A 228 10.71 7.06 -3.46
CA HIS A 228 9.76 5.96 -3.36
C HIS A 228 8.97 6.02 -2.02
N ALA A 229 9.68 5.83 -0.90
CA ALA A 229 9.01 5.73 0.42
C ALA A 229 9.45 6.81 1.36
N ILE A 230 8.59 7.01 2.36
CA ILE A 230 8.78 8.04 3.33
C ILE A 230 8.29 7.61 4.73
N THR A 231 8.98 8.11 5.76
CA THR A 231 8.67 7.80 7.17
C THR A 231 9.03 8.95 8.06
N ALA A 232 8.32 9.14 9.19
CA ALA A 232 8.62 10.21 10.17
C ALA A 232 9.90 9.82 10.93
N GLY A 233 10.81 10.75 11.13
CA GLY A 233 11.90 10.55 12.02
C GLY A 233 11.56 11.19 13.38
N ALA A 234 12.58 11.68 14.05
CA ALA A 234 12.35 12.46 15.30
C ALA A 234 11.85 13.86 15.00
N GLY A 235 10.91 14.27 15.84
CA GLY A 235 10.21 15.49 15.69
C GLY A 235 9.63 15.71 14.30
N ILE A 236 9.88 16.89 13.74
CA ILE A 236 9.41 17.23 12.39
C ILE A 236 10.21 16.61 11.21
N ASP A 237 11.19 15.78 11.49
CA ASP A 237 11.92 15.12 10.42
C ASP A 237 11.06 14.11 9.61
N LEU A 238 11.22 14.19 8.30
CA LEU A 238 10.78 13.09 7.37
C LEU A 238 11.97 12.52 6.63
N TRP A 239 12.05 11.19 6.63
CA TRP A 239 13.15 10.50 5.92
C TRP A 239 12.57 9.79 4.72
N PHE A 240 13.25 9.85 3.58
CA PHE A 240 12.75 9.25 2.37
C PHE A 240 13.85 8.58 1.53
N THR A 241 13.41 7.65 0.71
CA THR A 241 14.35 6.97 -0.18
C THR A 241 14.32 7.61 -1.56
N GLU A 242 15.50 7.88 -2.12
CA GLU A 242 15.66 8.32 -3.48
C GLU A 242 16.14 7.10 -4.25
N TRP A 243 15.17 6.33 -4.73
CA TRP A 243 15.45 5.04 -5.36
C TRP A 243 16.27 5.21 -6.67
N GLY A 244 15.97 6.26 -7.38
CA GLY A 244 16.68 6.60 -8.60
C GLY A 244 18.03 7.18 -8.35
N ALA A 245 18.21 7.98 -7.31
CA ALA A 245 19.50 8.65 -7.11
C ALA A 245 20.45 7.85 -6.17
N ASN A 246 19.92 6.77 -5.57
CA ASN A 246 20.67 5.96 -4.58
C ASN A 246 21.11 6.85 -3.40
N LYS A 247 20.14 7.56 -2.86
CA LYS A 247 20.34 8.42 -1.68
C LYS A 247 19.24 8.25 -0.70
N ILE A 248 19.55 8.61 0.55
CA ILE A 248 18.52 8.76 1.58
C ILE A 248 18.33 10.26 1.80
N GLY A 249 17.09 10.73 1.73
CA GLY A 249 16.82 12.17 1.89
C GLY A 249 16.28 12.41 3.28
N ARG A 250 16.48 13.61 3.80
CA ARG A 250 15.83 14.01 5.08
C ARG A 250 15.35 15.46 4.99
N LEU A 251 14.04 15.67 5.16
CA LEU A 251 13.45 16.98 5.28
C LEU A 251 13.48 17.24 6.82
N THR A 252 14.20 18.29 7.19
CA THR A 252 14.38 18.66 8.55
C THR A 252 13.96 20.12 8.82
N SER A 253 14.54 20.66 9.89
CA SER A 253 14.35 22.04 10.36
C SER A 253 14.35 23.06 9.27
N ASN A 254 13.34 23.91 9.34
CA ASN A 254 13.11 24.93 8.38
C ASN A 254 12.89 24.38 6.96
N ASN A 255 12.42 23.14 6.87
CA ASN A 255 12.16 22.49 5.58
C ASN A 255 13.36 22.41 4.64
N ILE A 256 14.56 22.46 5.19
CA ILE A 256 15.77 22.12 4.43
C ILE A 256 15.82 20.60 4.14
N ILE A 257 16.16 20.21 2.90
CA ILE A 257 16.28 18.80 2.61
C ILE A 257 17.74 18.46 2.55
N GLU A 258 18.16 17.51 3.39
CA GLU A 258 19.54 17.04 3.39
C GLU A 258 19.59 15.71 2.60
N GLU A 259 20.65 15.40 1.88
CA GLU A 259 20.76 14.10 1.19
C GLU A 259 22.04 13.33 1.58
N TYR A 260 21.87 12.04 1.85
CA TYR A 260 22.97 11.19 2.25
C TYR A 260 23.20 10.11 1.17
N PRO A 261 24.35 10.16 0.48
CA PRO A 261 24.59 9.18 -0.56
C PRO A 261 24.87 7.79 -0.04
N ILE A 262 24.33 6.80 -0.73
CA ILE A 262 24.53 5.48 -0.26
C ILE A 262 25.71 5.05 -1.10
N GLN A 263 26.63 4.35 -0.50
CA GLN A 263 27.90 4.19 -1.16
C GLN A 263 27.97 2.88 -1.93
N ILE A 264 26.91 2.53 -2.67
CA ILE A 264 26.76 1.18 -3.20
C ILE A 264 26.21 1.29 -4.57
N LYS A 265 26.91 0.71 -5.55
CA LYS A 265 26.41 0.61 -6.94
C LYS A 265 24.99 0.04 -6.98
N SER A 266 24.10 0.73 -7.67
CA SER A 266 22.70 0.31 -7.87
C SER A 266 22.02 -0.13 -6.58
N ALA A 267 22.17 0.68 -5.56
CA ALA A 267 21.59 0.33 -4.26
C ALA A 267 20.10 0.10 -4.42
N GLU A 268 19.45 1.05 -5.07
CA GLU A 268 18.01 1.04 -5.27
C GLU A 268 17.23 0.93 -3.94
N PRO A 269 17.36 1.93 -3.09
CA PRO A 269 16.63 1.88 -1.83
C PRO A 269 15.12 1.99 -2.06
N HIS A 270 14.37 1.14 -1.35
CA HIS A 270 12.91 1.11 -1.49
C HIS A 270 12.31 1.48 -0.11
N GLY A 271 11.97 0.51 0.72
CA GLY A 271 11.30 0.83 1.97
C GLY A 271 12.20 1.47 3.03
N ILE A 272 11.57 2.18 3.95
CA ILE A 272 12.28 2.91 5.04
C ILE A 272 11.41 2.97 6.31
N CYS A 273 12.06 2.87 7.46
CA CYS A 273 11.38 2.99 8.76
CA CYS A 273 11.40 2.96 8.75
C CYS A 273 12.39 3.52 9.77
N PHE A 274 11.90 4.00 10.91
CA PHE A 274 12.72 4.64 11.89
C PHE A 274 12.36 4.00 13.21
N ASP A 275 13.34 3.55 13.96
CA ASP A 275 13.07 2.87 15.24
C ASP A 275 13.27 3.78 16.46
N GLY A 276 13.46 5.07 16.22
CA GLY A 276 13.69 5.97 17.30
C GLY A 276 15.10 6.49 17.31
N GLU A 277 16.05 5.68 16.86
CA GLU A 277 17.43 6.14 16.77
C GLU A 277 17.99 5.97 15.38
N THR A 278 17.67 4.81 14.80
CA THR A 278 18.27 4.33 13.56
C THR A 278 17.21 4.39 12.47
N ILE A 279 17.65 4.88 11.34
CA ILE A 279 16.86 4.82 10.10
C ILE A 279 17.25 3.56 9.33
N TRP A 280 16.31 2.65 9.18
CA TRP A 280 16.55 1.36 8.47
C TRP A 280 15.96 1.42 7.07
N PHE A 281 16.63 0.87 6.06
CA PHE A 281 16.04 0.81 4.75
C PHE A 281 16.44 -0.44 4.00
N ALA A 282 15.63 -0.77 3.01
CA ALA A 282 15.81 -1.98 2.23
C ALA A 282 16.33 -1.53 0.91
N MET A 283 17.37 -2.19 0.40
CA MET A 283 17.92 -1.92 -0.91
C MET A 283 17.72 -3.12 -1.84
N GLU A 284 17.26 -2.86 -3.07
CA GLU A 284 17.17 -3.90 -4.09
C GLU A 284 18.48 -4.60 -4.28
N CYS A 285 19.60 -3.86 -4.17
CA CYS A 285 20.95 -4.44 -4.28
C CYS A 285 21.21 -5.57 -3.31
N ASP A 286 20.31 -5.76 -2.37
CA ASP A 286 20.19 -6.99 -1.60
C ASP A 286 20.57 -6.89 -0.16
N LYS A 287 20.95 -5.70 0.32
CA LYS A 287 21.27 -5.49 1.72
C LYS A 287 20.24 -4.60 2.43
N ILE A 288 20.32 -4.58 3.75
CA ILE A 288 19.57 -3.68 4.62
C ILE A 288 20.56 -2.58 5.05
N GLY A 289 20.12 -1.35 4.99
CA GLY A 289 20.93 -0.20 5.41
C GLY A 289 20.50 0.31 6.76
N LYS A 290 21.47 0.76 7.57
CA LYS A 290 21.20 1.33 8.89
C LYS A 290 21.95 2.62 8.94
N LEU A 291 21.21 3.73 9.05
CA LEU A 291 21.74 5.05 9.05
C LEU A 291 21.44 5.67 10.42
N THR A 292 22.49 6.22 11.03
CA THR A 292 22.43 6.91 12.33
C THR A 292 23.14 8.27 12.29
N LEU A 293 22.51 9.24 12.92
CA LEU A 293 23.01 10.59 12.97
C LEU A 293 23.77 10.71 14.26
N ILE A 294 24.83 11.49 14.21
CA ILE A 294 25.64 11.79 15.36
C ILE A 294 25.19 13.13 15.94
N LYS A 295 25.05 13.19 17.27
CA LYS A 295 24.45 14.36 17.91
C LYS A 295 25.43 15.48 17.85
N ASP A 296 24.89 16.69 17.92
CA ASP A 296 25.66 17.92 17.84
C ASP A 296 26.24 18.35 19.18
N ASN A 297 27.28 19.18 19.12
CA ASN A 297 28.02 19.63 20.30
C ASN A 297 28.10 21.15 20.43
N MET A 298 28.02 21.60 21.70
CA MET A 298 28.29 22.95 22.15
C MET A 298 27.40 23.93 21.44
N GLU B 2 35.42 42.49 35.72
CA GLU B 2 35.80 41.20 36.42
C GLU B 2 34.88 40.07 35.99
N PHE B 3 34.46 40.09 34.73
CA PHE B 3 33.58 39.07 34.13
C PHE B 3 34.12 38.55 32.82
N LYS B 4 33.64 37.40 32.41
CA LYS B 4 33.77 36.97 31.03
C LYS B 4 32.42 36.45 30.54
N LEU B 5 32.15 36.74 29.28
CA LEU B 5 30.87 36.46 28.67
C LEU B 5 31.17 35.65 27.45
N GLN B 6 30.63 34.46 27.39
CA GLN B 6 30.90 33.63 26.27
C GLN B 6 29.61 33.06 25.77
N GLU B 7 29.62 32.63 24.52
CA GLU B 7 28.40 32.22 23.89
C GLU B 7 28.57 30.92 23.21
N LEU B 8 27.55 30.11 23.37
CA LEU B 8 27.45 28.78 22.82
C LEU B 8 26.42 28.89 21.65
N ASN B 9 26.85 28.49 20.46
CA ASN B 9 25.98 28.47 19.30
C ASN B 9 25.22 27.16 19.33
N LEU B 10 23.90 27.21 19.19
CA LEU B 10 23.14 26.01 18.92
C LEU B 10 23.37 25.56 17.49
N THR B 11 23.20 24.28 17.24
CA THR B 11 23.47 23.82 15.90
C THR B 11 22.21 24.03 15.07
N ASN B 12 21.08 23.69 15.67
CA ASN B 12 19.78 23.97 15.09
C ASN B 12 19.58 25.48 14.99
N GLN B 13 19.03 25.97 13.87
CA GLN B 13 18.80 27.41 13.67
C GLN B 13 17.30 27.83 13.71
N ASP B 14 17.06 29.07 14.11
CA ASP B 14 15.71 29.65 14.26
C ASP B 14 14.79 28.90 15.25
N THR B 15 15.37 28.50 16.37
CA THR B 15 14.65 27.65 17.29
C THR B 15 13.83 28.38 18.38
N GLY B 16 14.09 29.66 18.56
CA GLY B 16 13.40 30.37 19.64
C GLY B 16 13.75 29.91 21.07
N PRO B 17 15.06 29.86 21.45
CA PRO B 17 15.36 29.57 22.86
C PRO B 17 14.69 30.62 23.76
N TYR B 18 14.25 30.15 24.91
CA TYR B 18 13.40 30.97 25.76
C TYR B 18 13.71 30.68 27.21
N GLY B 19 13.20 29.58 27.72
CA GLY B 19 13.36 29.25 29.10
C GLY B 19 14.64 28.51 29.26
N ILE B 20 15.22 28.58 30.45
CA ILE B 20 16.49 27.90 30.75
C ILE B 20 16.61 27.57 32.23
N THR B 21 17.17 26.40 32.53
CA THR B 21 17.42 25.90 33.90
C THR B 21 18.53 24.91 33.88
N VAL B 22 19.06 24.58 35.06
CA VAL B 22 20.28 23.73 35.13
C VAL B 22 20.07 22.71 36.21
N SER B 23 20.40 21.47 35.92
CA SER B 23 20.14 20.39 36.88
C SER B 23 21.23 20.46 37.96
N ASP B 24 20.95 19.81 39.07
CA ASP B 24 21.96 19.86 40.17
C ASP B 24 23.25 19.20 39.70
N LYS B 25 23.18 18.25 38.78
CA LYS B 25 24.41 17.64 38.26
C LYS B 25 24.98 18.41 37.07
N GLY B 26 24.43 19.59 36.82
CA GLY B 26 24.97 20.50 35.82
C GLY B 26 24.52 20.46 34.35
N LYS B 27 23.53 19.67 33.99
CA LYS B 27 22.98 19.67 32.62
C LYS B 27 22.10 20.90 32.45
N VAL B 28 22.25 21.59 31.31
CA VAL B 28 21.48 22.79 31.01
C VAL B 28 20.34 22.38 30.06
N TRP B 29 19.13 22.80 30.41
CA TRP B 29 17.93 22.47 29.67
C TRP B 29 17.30 23.78 29.17
N ILE B 30 16.90 23.83 27.91
CA ILE B 30 16.28 25.01 27.34
C ILE B 30 14.98 24.69 26.68
N THR B 31 14.03 25.64 26.66
CA THR B 31 12.86 25.51 25.78
C THR B 31 13.12 26.28 24.48
N GLN B 32 12.63 25.76 23.37
CA GLN B 32 12.81 26.38 22.07
C GLN B 32 11.41 26.50 21.44
N HIS B 33 10.82 27.67 21.51
CA HIS B 33 9.39 27.75 21.23
C HIS B 33 9.11 27.65 19.72
N LYS B 34 10.05 28.04 18.87
CA LYS B 34 9.84 27.98 17.41
C LYS B 34 10.09 26.63 16.87
N ALA B 35 11.14 25.97 17.35
CA ALA B 35 11.39 24.58 16.98
C ALA B 35 10.48 23.50 17.65
N ASN B 36 9.70 23.88 18.66
CA ASN B 36 8.70 23.05 19.33
C ASN B 36 9.41 21.87 20.03
N MET B 37 10.42 22.19 20.81
CA MET B 37 11.25 21.21 21.50
C MET B 37 11.91 21.77 22.74
N ILE B 38 12.47 20.85 23.48
CA ILE B 38 13.37 21.18 24.59
C ILE B 38 14.68 20.50 24.27
N SER B 39 15.79 21.16 24.59
CA SER B 39 17.10 20.57 24.47
C SER B 39 17.84 20.54 25.81
N CYS B 40 18.68 19.50 25.95
CA CYS B 40 19.63 19.45 27.03
CA CYS B 40 19.61 19.35 27.02
C CYS B 40 21.05 19.46 26.50
N ILE B 41 21.89 20.21 27.17
CA ILE B 41 23.30 20.30 26.88
C ILE B 41 24.00 19.57 28.04
N ASN B 42 24.66 18.45 27.77
CA ASN B 42 25.32 17.75 28.83
C ASN B 42 26.67 18.40 29.18
N LEU B 43 27.37 17.86 30.16
CA LEU B 43 28.62 18.50 30.66
C LEU B 43 29.71 18.63 29.59
N ASP B 44 29.81 17.66 28.69
CA ASP B 44 30.71 17.80 27.54
C ASP B 44 30.24 18.69 26.36
N GLY B 45 29.05 19.22 26.46
CA GLY B 45 28.50 20.09 25.41
C GLY B 45 27.65 19.40 24.36
N LYS B 46 27.49 18.08 24.43
CA LYS B 46 26.59 17.36 23.53
C LYS B 46 25.13 17.78 23.73
N ILE B 47 24.41 17.96 22.61
CA ILE B 47 23.02 18.41 22.65
C ILE B 47 22.07 17.26 22.29
N THR B 48 21.08 17.01 23.15
CA THR B 48 20.03 16.04 22.90
C THR B 48 18.73 16.78 22.76
N GLU B 49 17.98 16.49 21.70
CA GLU B 49 16.73 17.22 21.44
C GLU B 49 15.53 16.38 21.81
N TYR B 50 14.56 17.00 22.45
CA TYR B 50 13.31 16.40 22.83
C TYR B 50 12.14 17.16 22.16
N PRO B 51 11.82 16.79 20.95
CA PRO B 51 10.67 17.43 20.31
C PRO B 51 9.35 17.13 21.00
N LEU B 52 8.44 18.12 20.97
CA LEU B 52 7.17 17.96 21.63
C LEU B 52 6.17 17.16 20.77
N PRO B 53 5.33 16.30 21.42
CA PRO B 53 4.34 15.55 20.67
C PRO B 53 3.24 16.39 20.09
N THR B 54 2.87 17.47 20.74
CA THR B 54 1.83 18.35 20.18
C THR B 54 2.44 19.42 19.32
N PRO B 55 2.03 19.53 18.04
CA PRO B 55 2.61 20.56 17.19
C PRO B 55 2.22 21.96 17.66
N ASP B 56 3.05 22.95 17.37
CA ASP B 56 2.80 24.36 17.61
C ASP B 56 2.30 24.64 19.06
N ALA B 57 3.01 24.06 20.03
CA ALA B 57 2.62 24.05 21.42
C ALA B 57 2.98 25.37 22.16
N LYS B 58 3.90 26.16 21.58
CA LYS B 58 4.52 27.31 22.24
C LYS B 58 5.01 26.97 23.66
N VAL B 59 6.01 26.09 23.70
CA VAL B 59 6.67 25.77 24.96
C VAL B 59 7.38 27.00 25.53
N MET B 60 7.14 27.32 26.79
CA MET B 60 7.61 28.58 27.33
C MET B 60 8.57 28.30 28.47
N CYS B 61 8.07 27.90 29.63
CA CYS B 61 8.93 27.81 30.86
C CYS B 61 9.12 26.40 31.25
N LEU B 62 10.20 26.18 32.00
CA LEU B 62 10.47 24.84 32.46
C LEU B 62 11.10 24.84 33.82
N THR B 63 11.06 23.67 34.45
CA THR B 63 11.72 23.49 35.72
C THR B 63 12.08 22.01 35.93
N ILE B 64 13.07 21.76 36.79
CA ILE B 64 13.46 20.37 37.08
C ILE B 64 13.01 20.05 38.48
N SER B 65 12.22 19.00 38.64
CA SER B 65 11.71 18.59 39.92
C SER B 65 12.85 17.95 40.74
N SER B 66 12.59 17.82 42.05
CA SER B 66 13.41 17.07 43.00
C SER B 66 13.74 15.67 42.56
N ASP B 67 12.80 15.05 41.84
CA ASP B 67 12.96 13.72 41.34
C ASP B 67 13.63 13.72 39.97
N GLY B 68 14.12 14.88 39.52
CA GLY B 68 14.92 14.97 38.31
C GLY B 68 14.20 15.00 36.97
N GLU B 69 12.90 15.16 36.98
CA GLU B 69 12.15 15.24 35.72
C GLU B 69 11.99 16.68 35.27
N VAL B 70 11.86 16.88 33.95
CA VAL B 70 11.73 18.24 33.41
C VAL B 70 10.24 18.49 33.15
N TRP B 71 9.67 19.44 33.86
CA TRP B 71 8.29 19.87 33.65
C TRP B 71 8.26 21.20 32.90
N PHE B 72 7.25 21.36 32.08
CA PHE B 72 7.19 22.52 31.23
C PHE B 72 5.77 22.87 30.85
N THR B 73 5.64 24.10 30.42
CA THR B 73 4.39 24.66 29.93
C THR B 73 4.29 24.80 28.39
N GLU B 74 3.11 24.41 27.89
CA GLU B 74 2.71 24.57 26.47
C GLU B 74 1.65 25.64 26.40
N ASN B 75 2.09 26.85 26.17
CA ASN B 75 1.25 28.04 26.35
C ASN B 75 0.13 28.14 25.35
N ALA B 76 0.44 27.73 24.13
CA ALA B 76 -0.59 27.68 23.06
C ALA B 76 -1.44 26.42 23.04
N ALA B 77 -0.90 25.29 23.49
CA ALA B 77 -1.64 24.04 23.41
C ALA B 77 -2.43 23.68 24.68
N ASN B 78 -2.33 24.50 25.73
CA ASN B 78 -3.16 24.32 26.99
C ASN B 78 -2.75 23.04 27.73
N LYS B 79 -1.44 22.77 27.79
CA LYS B 79 -0.89 21.56 28.41
C LYS B 79 0.35 21.81 29.25
N ILE B 80 0.53 20.92 30.22
CA ILE B 80 1.71 20.73 31.06
C ILE B 80 2.38 19.49 30.57
N GLY B 81 3.67 19.62 30.34
CA GLY B 81 4.43 18.52 29.83
C GLY B 81 5.43 18.07 30.88
N ARG B 82 5.94 16.85 30.72
CA ARG B 82 6.89 16.20 31.62
C ARG B 82 7.77 15.29 30.81
N ILE B 83 9.09 15.46 30.98
CA ILE B 83 10.05 14.57 30.37
C ILE B 83 10.59 13.63 31.47
N THR B 84 10.36 12.33 31.31
CA THR B 84 10.79 11.36 32.29
C THR B 84 12.24 10.99 32.02
N LYS B 85 12.79 10.24 32.98
CA LYS B 85 14.15 9.71 32.87
C LYS B 85 14.39 8.79 31.68
N LYS B 86 13.39 8.08 31.16
CA LYS B 86 13.63 7.36 29.90
C LYS B 86 13.59 8.30 28.70
N GLY B 87 13.31 9.57 28.91
CA GLY B 87 13.35 10.51 27.82
C GLY B 87 12.00 10.64 27.13
N ILE B 88 10.94 10.07 27.70
CA ILE B 88 9.62 10.07 27.06
C ILE B 88 8.79 11.24 27.57
N ILE B 89 8.11 11.96 26.66
CA ILE B 89 7.27 13.09 27.06
C ILE B 89 5.81 12.68 27.35
N LYS B 90 5.29 13.11 28.50
CA LYS B 90 3.87 12.91 28.82
C LYS B 90 3.29 14.32 28.89
N GLU B 91 2.11 14.50 28.31
CA GLU B 91 1.42 15.78 28.31
C GLU B 91 0.11 15.63 29.06
N TYR B 92 -0.20 16.61 29.87
CA TYR B 92 -1.49 16.70 30.59
C TYR B 92 -2.24 17.92 30.04
N THR B 93 -3.43 17.73 29.51
CA THR B 93 -4.27 18.86 29.05
C THR B 93 -4.97 19.47 30.27
N LEU B 94 -4.96 20.79 30.33
CA LEU B 94 -5.66 21.52 31.36
C LEU B 94 -7.19 21.45 31.12
N PRO B 95 -7.96 21.45 32.22
CA PRO B 95 -9.37 21.24 32.03
C PRO B 95 -10.12 22.37 31.33
N ASN B 96 -9.76 23.61 31.59
CA ASN B 96 -10.50 24.71 30.97
C ASN B 96 -9.72 25.12 29.69
N PRO B 97 -10.42 25.30 28.60
CA PRO B 97 -9.83 25.68 27.29
C PRO B 97 -9.08 26.99 27.40
N ASP B 98 -8.00 27.15 26.64
CA ASP B 98 -7.31 28.39 26.45
C ASP B 98 -6.78 29.01 27.74
N SER B 99 -6.22 28.19 28.61
CA SER B 99 -5.75 28.62 29.94
C SER B 99 -4.41 29.33 29.84
N ALA B 100 -3.64 29.01 28.80
CA ALA B 100 -2.36 29.66 28.59
C ALA B 100 -1.38 29.54 29.74
N PRO B 101 -0.98 28.29 30.02
CA PRO B 101 -0.02 28.09 31.11
C PRO B 101 1.31 28.73 30.78
N TYR B 102 1.98 29.20 31.81
CA TYR B 102 3.18 30.04 31.61
C TYR B 102 4.30 29.67 32.58
N GLY B 103 4.39 30.36 33.72
CA GLY B 103 5.39 30.03 34.76
C GLY B 103 5.17 28.67 35.40
N ILE B 104 6.27 28.07 35.86
CA ILE B 104 6.20 26.72 36.48
C ILE B 104 7.29 26.58 37.49
N THR B 105 7.04 25.86 38.57
CA THR B 105 7.98 25.66 39.66
C THR B 105 7.51 24.52 40.57
N GLU B 106 8.40 24.05 41.43
CA GLU B 106 8.06 22.99 42.36
C GLU B 106 7.62 23.66 43.69
N GLY B 107 6.58 23.09 44.28
CA GLY B 107 6.08 23.55 45.56
C GLY B 107 6.71 22.88 46.75
N PRO B 108 6.26 23.27 47.94
CA PRO B 108 6.88 22.85 49.19
C PRO B 108 6.79 21.37 49.50
N ASN B 109 5.75 20.71 48.95
CA ASN B 109 5.50 19.28 49.16
C ASN B 109 5.77 18.46 47.93
N GLY B 110 6.38 19.05 46.90
CA GLY B 110 6.78 18.25 45.77
C GLY B 110 5.86 18.31 44.59
N ASP B 111 4.65 18.90 44.69
CA ASP B 111 3.81 19.05 43.50
C ASP B 111 4.38 20.16 42.63
N ILE B 112 3.95 20.18 41.37
CA ILE B 112 4.43 21.13 40.40
C ILE B 112 3.35 22.19 40.24
N TRP B 113 3.71 23.43 40.47
CA TRP B 113 2.74 24.58 40.42
C TRP B 113 3.00 25.47 39.20
N PHE B 114 1.96 26.09 38.65
CA PHE B 114 2.10 26.91 37.42
C PHE B 114 1.02 27.96 37.37
N THR B 115 1.31 29.01 36.62
CA THR B 115 0.37 30.03 36.36
C THR B 115 -0.37 29.69 35.04
N GLU B 116 -1.59 30.17 35.00
CA GLU B 116 -2.43 30.12 33.84
C GLU B 116 -2.75 31.57 33.51
N MET B 117 -2.06 32.09 32.50
CA MET B 117 -2.07 33.49 32.22
C MET B 117 -3.45 34.00 31.75
N ASN B 118 -3.99 33.40 30.71
CA ASN B 118 -5.32 33.76 30.25
C ASN B 118 -6.37 33.13 31.16
N GLY B 119 -6.03 31.99 31.73
CA GLY B 119 -6.92 31.31 32.69
C GLY B 119 -7.27 32.06 33.96
N ASN B 120 -6.40 32.96 34.38
CA ASN B 120 -6.54 33.70 35.59
C ASN B 120 -6.59 32.77 36.80
N ARG B 121 -5.72 31.73 36.80
CA ARG B 121 -5.68 30.72 37.87
C ARG B 121 -4.25 30.32 38.16
N ILE B 122 -4.03 29.81 39.35
CA ILE B 122 -2.82 29.06 39.64
C ILE B 122 -3.21 27.59 39.56
N GLY B 123 -2.32 26.79 38.98
CA GLY B 123 -2.48 25.37 38.82
C GLY B 123 -1.42 24.62 39.62
N ARG B 124 -1.76 23.37 39.89
CA ARG B 124 -1.00 22.49 40.70
C ARG B 124 -1.23 21.06 40.27
N ILE B 125 -0.18 20.30 40.00
CA ILE B 125 -0.32 18.93 39.47
C ILE B 125 0.58 18.02 40.26
N THR B 126 0.03 16.88 40.68
CA THR B 126 0.74 15.92 41.49
C THR B 126 1.55 14.99 40.61
N ASP B 127 2.38 14.20 41.26
CA ASP B 127 3.21 13.23 40.57
C ASP B 127 2.40 12.23 39.73
N ASP B 128 1.20 11.89 40.19
CA ASP B 128 0.29 11.04 39.43
C ASP B 128 -0.63 11.73 38.41
N GLY B 129 -0.39 13.00 38.18
CA GLY B 129 -1.00 13.77 37.12
C GLY B 129 -2.37 14.34 37.46
N LYS B 130 -2.69 14.46 38.74
CA LYS B 130 -3.91 15.10 39.18
C LYS B 130 -3.74 16.61 39.26
N ILE B 131 -4.64 17.30 38.56
CA ILE B 131 -4.63 18.79 38.43
C ILE B 131 -5.61 19.38 39.40
N ARG B 132 -5.16 20.35 40.18
CA ARG B 132 -6.09 21.23 40.96
C ARG B 132 -5.78 22.69 40.64
N GLU B 133 -6.80 23.55 40.63
CA GLU B 133 -6.62 24.97 40.28
C GLU B 133 -7.28 25.86 41.30
N TYR B 134 -6.74 27.05 41.41
CA TYR B 134 -7.23 28.09 42.35
C TYR B 134 -7.42 29.39 41.57
N GLU B 135 -8.64 29.89 41.56
CA GLU B 135 -9.04 31.08 40.80
C GLU B 135 -8.54 32.32 41.48
N LEU B 136 -7.92 33.22 40.73
CA LEU B 136 -7.52 34.50 41.28
C LEU B 136 -8.73 35.37 41.50
N PRO B 137 -8.66 36.20 42.53
CA PRO B 137 -9.84 37.00 42.95
C PRO B 137 -10.28 38.14 41.97
N ASN B 138 -9.36 38.66 41.18
CA ASN B 138 -9.63 39.76 40.26
C ASN B 138 -9.47 39.25 38.82
N LYS B 139 -10.48 39.49 37.97
CA LYS B 139 -10.43 39.10 36.54
C LYS B 139 -9.24 39.80 35.85
N GLY B 140 -8.65 39.11 34.92
CA GLY B 140 -7.67 39.69 34.06
C GLY B 140 -6.37 40.06 34.72
N SER B 141 -5.96 39.27 35.72
CA SER B 141 -4.69 39.49 36.42
C SER B 141 -3.46 39.12 35.65
N TYR B 142 -3.57 38.17 34.72
CA TYR B 142 -2.39 37.70 33.92
C TYR B 142 -1.21 37.24 34.77
N PRO B 143 -1.43 36.17 35.57
CA PRO B 143 -0.32 35.68 36.39
C PRO B 143 0.74 35.13 35.46
N SER B 144 1.99 35.35 35.84
CA SER B 144 3.12 35.24 34.92
CA SER B 144 3.09 35.16 34.87
C SER B 144 4.14 34.23 35.45
N PHE B 145 5.20 34.73 36.07
CA PHE B 145 6.19 33.85 36.64
C PHE B 145 5.79 33.42 38.10
N ILE B 146 6.34 32.29 38.53
CA ILE B 146 6.05 31.76 39.87
C ILE B 146 7.29 31.13 40.48
N THR B 147 7.38 31.25 41.79
CA THR B 147 8.51 30.74 42.53
C THR B 147 8.20 30.31 43.95
N LEU B 148 9.03 29.45 44.51
CA LEU B 148 8.80 29.01 45.91
C LEU B 148 9.55 29.95 46.88
N GLY B 149 8.80 30.57 47.79
CA GLY B 149 9.37 31.45 48.78
C GLY B 149 9.92 30.73 50.00
N SER B 150 10.65 31.46 50.84
CA SER B 150 11.24 30.87 52.07
C SER B 150 10.18 30.55 53.14
N ASP B 151 8.96 31.06 53.00
CA ASP B 151 7.85 30.77 53.89
C ASP B 151 7.04 29.58 53.42
N ASN B 152 7.52 28.89 52.36
CA ASN B 152 6.82 27.76 51.70
C ASN B 152 5.50 28.00 51.00
N ALA B 153 5.25 29.23 50.70
CA ALA B 153 4.17 29.63 49.84
C ALA B 153 4.71 29.87 48.44
N LEU B 154 3.83 29.82 47.48
CA LEU B 154 4.23 30.16 46.10
C LEU B 154 3.95 31.64 45.87
N TRP B 155 4.93 32.29 45.24
CA TRP B 155 4.87 33.73 44.96
C TRP B 155 4.92 33.94 43.46
N PHE B 156 4.05 34.82 42.94
CA PHE B 156 3.91 35.01 41.52
C PHE B 156 3.61 36.45 41.19
N THR B 157 3.90 36.82 39.94
CA THR B 157 3.64 38.14 39.41
C THR B 157 2.29 38.14 38.70
N GLU B 158 1.56 39.24 38.85
CA GLU B 158 0.28 39.47 38.16
C GLU B 158 0.52 40.63 37.19
N ASN B 159 0.83 40.27 35.95
CA ASN B 159 1.34 41.22 35.01
C ASN B 159 0.35 42.30 34.65
N GLN B 160 -0.94 42.01 34.69
CA GLN B 160 -1.89 43.05 34.39
C GLN B 160 -2.72 43.49 35.60
N ASN B 161 -2.32 43.09 36.82
CA ASN B 161 -2.89 43.59 38.03
C ASN B 161 -1.89 44.38 38.89
N ASN B 162 -0.72 44.66 38.32
CA ASN B 162 0.36 45.36 38.99
C ASN B 162 0.56 44.90 40.43
N ALA B 163 0.63 43.60 40.63
CA ALA B 163 0.69 43.03 41.95
C ALA B 163 1.55 41.81 41.99
N ILE B 164 1.94 41.48 43.22
CA ILE B 164 2.59 40.25 43.54
C ILE B 164 1.60 39.42 44.31
N GLY B 165 1.41 38.18 43.86
CA GLY B 165 0.57 37.24 44.56
C GLY B 165 1.33 36.24 45.40
N ARG B 166 0.65 35.81 46.47
CA ARG B 166 1.08 34.77 47.35
C ARG B 166 -0.04 33.74 47.52
N ILE B 167 0.28 32.46 47.30
CA ILE B 167 -0.68 31.33 47.48
C ILE B 167 -0.02 30.26 48.36
N THR B 168 -0.69 29.92 49.45
CA THR B 168 -0.23 28.87 50.32
C THR B 168 -0.57 27.50 49.79
N GLU B 169 0.11 26.49 50.35
CA GLU B 169 -0.19 25.10 50.00
C GLU B 169 -1.65 24.72 50.22
N SER B 170 -2.31 25.32 51.21
CA SER B 170 -3.76 25.17 51.41
CA SER B 170 -3.76 25.16 51.40
C SER B 170 -4.64 25.98 50.40
N GLY B 171 -4.02 26.77 49.55
CA GLY B 171 -4.75 27.54 48.53
C GLY B 171 -5.18 28.95 48.85
N ASP B 172 -4.70 29.48 49.98
CA ASP B 172 -5.10 30.85 50.39
C ASP B 172 -4.22 31.90 49.69
N ILE B 173 -4.89 32.78 48.94
CA ILE B 173 -4.21 33.83 48.11
C ILE B 173 -4.26 35.20 48.80
N THR B 174 -3.12 35.87 48.85
CA THR B 174 -3.06 37.25 49.25
C THR B 174 -2.32 37.99 48.13
N GLU B 175 -2.51 39.29 48.05
CA GLU B 175 -1.90 40.05 46.94
C GLU B 175 -1.35 41.34 47.52
N PHE B 176 -0.30 41.83 46.91
CA PHE B 176 0.36 43.10 47.29
C PHE B 176 0.55 43.93 46.05
N LYS B 177 -0.10 45.08 46.04
CA LYS B 177 0.05 46.02 44.94
C LYS B 177 1.44 46.65 44.90
N ILE B 178 1.96 46.78 43.71
CA ILE B 178 3.26 47.39 43.49
C ILE B 178 3.13 48.95 43.47
N PRO B 179 3.99 49.66 44.20
CA PRO B 179 3.79 51.13 44.25
C PRO B 179 3.97 51.90 42.96
N THR B 180 4.81 51.42 42.06
CA THR B 180 4.94 52.01 40.76
C THR B 180 3.70 51.61 39.97
N PRO B 181 2.91 52.59 39.48
CA PRO B 181 1.73 52.16 38.70
C PRO B 181 1.99 51.45 37.37
N ALA B 182 1.13 50.48 37.06
CA ALA B 182 1.11 49.77 35.84
C ALA B 182 2.53 49.35 35.51
N SER B 183 3.21 48.75 36.47
CA SER B 183 4.64 48.48 36.29
C SER B 183 4.93 47.27 35.45
N GLY B 184 3.96 46.36 35.35
CA GLY B 184 4.10 45.17 34.52
C GLY B 184 5.13 44.18 35.07
N PRO B 185 4.86 43.62 36.26
CA PRO B 185 5.77 42.64 36.85
C PRO B 185 5.89 41.41 35.95
N VAL B 186 7.10 40.86 35.81
CA VAL B 186 7.24 39.65 34.96
C VAL B 186 8.01 38.59 35.78
N GLY B 187 9.33 38.54 35.63
CA GLY B 187 10.17 37.54 36.35
C GLY B 187 10.06 37.73 37.83
N ILE B 188 10.11 36.62 38.56
CA ILE B 188 10.22 36.65 40.02
C ILE B 188 11.10 35.43 40.46
N THR B 189 11.79 35.60 41.58
CA THR B 189 12.65 34.55 42.10
C THR B 189 12.86 34.77 43.63
N LYS B 190 13.32 33.74 44.29
CA LYS B 190 13.73 33.86 45.72
C LYS B 190 15.17 34.29 45.83
N GLY B 191 15.44 35.37 46.54
CA GLY B 191 16.86 35.77 46.70
C GLY B 191 17.44 34.98 47.86
N ASN B 192 18.76 34.97 47.97
CA ASN B 192 19.45 34.29 49.07
C ASN B 192 19.22 35.02 50.39
N ASP B 193 18.70 36.24 50.33
CA ASP B 193 18.29 37.00 51.51
C ASP B 193 16.88 36.62 51.99
N ASP B 194 16.30 35.60 51.36
CA ASP B 194 14.93 35.15 51.66
C ASP B 194 13.75 36.11 51.36
N ALA B 195 14.01 37.20 50.68
CA ALA B 195 12.97 37.97 50.11
C ALA B 195 12.73 37.43 48.67
N LEU B 196 11.67 37.93 48.05
CA LEU B 196 11.40 37.67 46.61
C LEU B 196 11.83 38.91 45.84
N TRP B 197 12.46 38.70 44.68
CA TRP B 197 12.90 39.75 43.83
C TRP B 197 12.18 39.57 42.48
N PHE B 198 11.71 40.67 41.90
CA PHE B 198 10.98 40.59 40.66
C PHE B 198 11.42 41.71 39.74
N VAL B 199 11.02 41.64 38.51
CA VAL B 199 11.30 42.70 37.54
C VAL B 199 10.02 43.37 37.09
N GLU B 200 10.14 44.67 36.78
CA GLU B 200 9.02 45.47 36.28
C GLU B 200 9.33 45.88 34.87
N ILE B 201 8.67 45.23 33.93
CA ILE B 201 9.02 45.44 32.50
C ILE B 201 8.68 46.88 31.97
N ILE B 202 7.62 47.48 32.49
CA ILE B 202 7.23 48.87 32.16
C ILE B 202 7.82 49.80 33.23
N GLY B 203 7.73 49.43 34.50
CA GLY B 203 8.39 50.22 35.55
C GLY B 203 9.88 50.46 35.34
N ASN B 204 10.56 49.49 34.69
CA ASN B 204 12.01 49.56 34.47
C ASN B 204 12.72 49.60 35.83
N LYS B 205 12.25 48.75 36.73
CA LYS B 205 12.79 48.62 38.09
C LYS B 205 12.92 47.13 38.48
N ILE B 206 13.82 46.86 39.45
CA ILE B 206 13.90 45.58 40.11
C ILE B 206 13.17 45.85 41.42
N GLY B 207 12.32 44.90 41.76
CA GLY B 207 11.58 44.96 43.05
C GLY B 207 11.98 43.91 44.03
N ARG B 208 11.75 44.23 45.30
CA ARG B 208 12.05 43.31 46.41
C ARG B 208 10.82 43.35 47.31
N ILE B 209 10.28 42.16 47.62
CA ILE B 209 9.15 41.98 48.49
C ILE B 209 9.50 40.90 49.52
N THR B 210 9.41 41.29 50.79
CA THR B 210 9.72 40.36 51.86
C THR B 210 8.53 39.44 52.02
N THR B 211 8.72 38.32 52.73
CA THR B 211 7.61 37.40 52.89
C THR B 211 6.44 38.04 53.61
N SER B 212 6.71 39.10 54.37
CA SER B 212 5.69 39.85 55.06
C SER B 212 5.01 40.90 54.23
N GLY B 213 5.48 41.06 53.00
CA GLY B 213 4.85 41.90 52.01
C GLY B 213 5.40 43.31 51.88
N GLU B 214 6.58 43.63 52.48
CA GLU B 214 7.17 44.98 52.38
CA GLU B 214 7.13 44.98 52.35
C GLU B 214 7.97 45.08 51.08
N ILE B 215 7.68 46.08 50.27
CA ILE B 215 8.25 46.26 48.95
C ILE B 215 9.23 47.39 48.91
N THR B 216 10.35 47.19 48.24
CA THR B 216 11.26 48.26 47.88
C THR B 216 11.61 48.08 46.39
N GLU B 217 12.11 49.14 45.76
CA GLU B 217 12.36 49.14 44.33
C GLU B 217 13.65 49.87 44.03
N PHE B 218 14.28 49.48 42.92
CA PHE B 218 15.58 49.94 42.52
C PHE B 218 15.50 50.20 41.02
N LYS B 219 15.78 51.44 40.60
CA LYS B 219 15.72 51.86 39.20
C LYS B 219 16.78 51.20 38.35
N ILE B 220 16.36 50.63 37.24
CA ILE B 220 17.32 50.06 36.29
C ILE B 220 17.97 51.24 35.50
N PRO B 221 19.32 51.29 35.41
CA PRO B 221 20.01 52.43 34.76
C PRO B 221 19.70 52.66 33.28
N THR B 222 19.62 51.59 32.49
CA THR B 222 19.30 51.75 31.06
C THR B 222 17.77 51.88 30.88
N PRO B 223 17.32 53.00 30.29
CA PRO B 223 15.88 53.24 30.15
C PRO B 223 15.29 52.29 29.13
N ASN B 224 14.05 51.91 29.29
CA ASN B 224 13.40 50.99 28.37
C ASN B 224 14.17 49.69 28.22
N ALA B 225 14.66 49.14 29.32
CA ALA B 225 15.46 47.93 29.25
C ALA B 225 14.62 46.68 28.98
N ARG B 226 13.31 46.74 29.27
CA ARG B 226 12.42 45.59 29.21
CA ARG B 226 12.44 45.59 29.20
C ARG B 226 13.05 44.36 29.89
N PRO B 227 13.31 44.44 31.25
CA PRO B 227 13.81 43.30 32.01
C PRO B 227 12.75 42.19 31.99
N HIS B 228 13.20 40.94 31.87
CA HIS B 228 12.31 39.80 31.66
C HIS B 228 12.37 38.79 32.82
N ALA B 229 13.54 38.19 33.02
CA ALA B 229 13.74 37.13 33.99
C ALA B 229 14.79 37.45 35.00
N ILE B 230 14.71 36.81 36.15
CA ILE B 230 15.64 37.15 37.24
C ILE B 230 15.97 35.88 38.02
N THR B 231 17.20 35.76 38.46
CA THR B 231 17.64 34.64 39.28
C THR B 231 18.60 35.04 40.38
N ALA B 232 18.66 34.29 41.45
CA ALA B 232 19.71 34.55 42.47
C ALA B 232 21.09 34.05 41.97
N GLY B 233 22.11 34.85 42.23
CA GLY B 233 23.50 34.48 42.03
C GLY B 233 24.14 34.02 43.34
N ALA B 234 25.40 34.36 43.53
CA ALA B 234 26.11 34.09 44.78
C ALA B 234 25.87 35.20 45.79
N GLY B 235 25.88 34.81 47.04
CA GLY B 235 25.61 35.71 48.14
C GLY B 235 24.32 36.47 47.90
N ILE B 236 24.38 37.79 47.90
CA ILE B 236 23.15 38.57 47.72
C ILE B 236 22.86 39.07 46.33
N ASP B 237 23.61 38.60 45.35
CA ASP B 237 23.38 39.01 44.00
C ASP B 237 22.04 38.48 43.43
N LEU B 238 21.46 39.28 42.55
CA LEU B 238 20.35 38.94 41.64
C LEU B 238 20.84 39.29 40.25
N TRP B 239 20.56 38.40 39.32
CA TRP B 239 20.97 38.65 37.95
C TRP B 239 19.71 38.65 37.14
N PHE B 240 19.62 39.52 36.11
CA PHE B 240 18.39 39.59 35.28
C PHE B 240 18.68 39.88 33.81
N THR B 241 17.72 39.52 32.96
CA THR B 241 17.89 39.78 31.56
C THR B 241 17.17 41.09 31.17
N GLU B 242 17.91 41.97 30.52
CA GLU B 242 17.36 43.12 29.83
C GLU B 242 17.11 42.81 28.34
N TRP B 243 15.87 42.41 28.10
CA TRP B 243 15.47 41.76 26.87
C TRP B 243 15.52 42.79 25.74
N GLY B 244 15.09 44.01 26.07
CA GLY B 244 15.00 45.11 25.13
C GLY B 244 16.34 45.79 24.92
N ALA B 245 17.13 46.00 25.97
CA ALA B 245 18.44 46.67 25.81
C ALA B 245 19.65 45.72 25.43
N ASN B 246 19.41 44.41 25.44
CA ASN B 246 20.43 43.39 25.06
C ASN B 246 21.56 43.46 26.03
N LYS B 247 21.23 43.39 27.31
CA LYS B 247 22.20 43.44 28.42
C LYS B 247 21.78 42.42 29.50
N ILE B 248 22.72 42.05 30.33
CA ILE B 248 22.50 41.32 31.57
C ILE B 248 22.76 42.29 32.72
N GLY B 249 21.78 42.37 33.59
CA GLY B 249 21.91 43.08 34.82
C GLY B 249 22.24 42.28 36.05
N ARG B 250 22.83 42.99 37.00
CA ARG B 250 23.18 42.46 38.26
C ARG B 250 22.88 43.45 39.35
N LEU B 251 22.13 43.02 40.35
CA LEU B 251 21.92 43.83 41.54
C LEU B 251 22.83 43.22 42.58
N THR B 252 23.71 44.02 43.15
CA THR B 252 24.69 43.49 44.09
C THR B 252 24.75 44.33 45.39
N SER B 253 25.87 44.23 46.12
CA SER B 253 25.97 44.91 47.42
C SER B 253 25.50 46.37 47.38
N ASN B 254 24.81 46.72 48.45
CA ASN B 254 24.21 48.06 48.61
CA ASN B 254 24.21 48.05 48.63
C ASN B 254 23.15 48.36 47.55
N ASN B 255 22.58 47.30 46.99
CA ASN B 255 21.58 47.38 45.97
C ASN B 255 22.00 48.18 44.77
N ILE B 256 23.28 48.12 44.43
CA ILE B 256 23.78 48.72 43.21
C ILE B 256 23.47 47.80 42.00
N ILE B 257 22.96 48.38 40.89
CA ILE B 257 22.73 47.63 39.63
C ILE B 257 23.84 47.91 38.62
N GLU B 258 24.59 46.89 38.29
CA GLU B 258 25.51 46.95 37.16
C GLU B 258 24.90 46.32 35.92
N GLU B 259 25.36 46.77 34.75
CA GLU B 259 24.89 46.21 33.52
C GLU B 259 26.05 45.70 32.63
N TYR B 260 25.84 44.56 32.00
CA TYR B 260 26.83 43.90 31.13
C TYR B 260 26.27 43.75 29.73
N PRO B 261 26.75 44.57 28.80
CA PRO B 261 26.30 44.41 27.48
C PRO B 261 26.75 43.08 26.87
N ILE B 262 25.85 42.53 26.05
CA ILE B 262 26.06 41.23 25.45
C ILE B 262 26.84 41.41 24.13
N GLN B 263 26.57 42.45 23.38
CA GLN B 263 27.38 42.68 22.14
C GLN B 263 27.33 41.45 21.24
N ILE B 264 26.12 40.97 21.00
CA ILE B 264 25.76 40.12 19.89
C ILE B 264 24.61 40.87 19.29
N LYS B 265 24.58 41.02 17.98
CA LYS B 265 23.44 41.67 17.35
C LYS B 265 22.12 40.93 17.71
N SER B 266 21.11 41.71 18.08
CA SER B 266 19.80 41.15 18.32
C SER B 266 19.81 40.03 19.41
N ALA B 267 20.67 40.17 20.43
CA ALA B 267 20.82 39.15 21.48
C ALA B 267 19.47 38.75 22.10
N GLU B 268 18.68 39.74 22.52
CA GLU B 268 17.34 39.51 23.02
C GLU B 268 17.25 38.41 24.09
N PRO B 269 18.00 38.59 25.21
CA PRO B 269 18.02 37.55 26.25
C PRO B 269 16.66 37.35 26.90
N HIS B 270 16.36 36.08 27.22
CA HIS B 270 15.07 35.72 27.80
C HIS B 270 15.31 35.14 29.22
N GLY B 271 15.35 33.81 29.33
CA GLY B 271 15.42 33.19 30.61
C GLY B 271 16.85 33.28 31.12
N ILE B 272 16.99 33.09 32.44
CA ILE B 272 18.30 33.09 33.06
C ILE B 272 18.37 32.12 34.23
N CYS B 273 19.54 31.56 34.51
CA CYS B 273 19.73 30.69 35.68
CA CYS B 273 19.72 30.69 35.65
C CYS B 273 21.18 30.67 36.15
N PHE B 274 21.40 30.08 37.33
CA PHE B 274 22.72 30.08 37.99
C PHE B 274 23.08 28.70 38.45
N ASP B 275 24.27 28.24 38.13
CA ASP B 275 24.59 26.83 38.48
C ASP B 275 25.54 26.74 39.66
N GLY B 276 25.74 27.87 40.32
CA GLY B 276 26.58 27.93 41.48
C GLY B 276 27.86 28.63 41.13
N GLU B 277 28.19 28.67 39.84
CA GLU B 277 29.36 29.40 39.37
C GLU B 277 29.09 30.33 38.20
N THR B 278 28.35 29.83 37.22
CA THR B 278 28.03 30.51 35.98
C THR B 278 26.58 30.92 35.91
N ILE B 279 26.38 32.06 35.28
CA ILE B 279 25.10 32.64 34.95
C ILE B 279 24.87 32.25 33.49
N TRP B 280 23.83 31.45 33.28
CA TRP B 280 23.49 30.91 31.99
C TRP B 280 22.21 31.67 31.53
N PHE B 281 22.16 32.06 30.27
CA PHE B 281 20.98 32.71 29.71
C PHE B 281 20.66 32.30 28.26
N ALA B 282 19.38 32.32 27.92
CA ALA B 282 18.92 31.95 26.58
C ALA B 282 18.77 33.20 25.73
N MET B 283 19.21 33.12 24.49
CA MET B 283 19.07 34.23 23.58
C MET B 283 18.20 33.81 22.40
N GLU B 284 17.46 34.79 21.91
CA GLU B 284 16.63 34.62 20.74
C GLU B 284 17.39 34.07 19.50
N CYS B 285 18.55 34.64 19.26
CA CYS B 285 19.34 34.30 18.11
C CYS B 285 20.08 32.97 18.25
N ASP B 286 19.43 31.91 18.73
CA ASP B 286 20.04 30.59 18.77
C ASP B 286 21.40 30.46 19.42
N LYS B 287 21.54 31.12 20.55
CA LYS B 287 22.76 31.08 21.31
C LYS B 287 22.35 30.95 22.78
N ILE B 288 23.23 30.32 23.56
CA ILE B 288 23.14 30.31 25.02
C ILE B 288 24.38 31.10 25.51
N GLY B 289 24.17 32.05 26.42
CA GLY B 289 25.27 32.75 26.99
C GLY B 289 25.64 32.26 28.34
N LYS B 290 26.93 32.40 28.65
CA LYS B 290 27.54 31.99 29.90
C LYS B 290 28.35 33.13 30.49
N LEU B 291 27.96 33.64 31.65
CA LEU B 291 28.63 34.78 32.26
C LEU B 291 29.24 34.34 33.55
N THR B 292 30.55 34.54 33.67
CA THR B 292 31.31 34.17 34.84
CA THR B 292 31.29 34.16 34.86
C THR B 292 32.13 35.35 35.27
N LEU B 293 32.01 35.73 36.52
CA LEU B 293 32.81 36.81 37.08
C LEU B 293 34.13 36.18 37.50
N ILE B 294 35.24 36.76 37.07
CA ILE B 294 36.60 36.28 37.37
C ILE B 294 37.16 36.85 38.68
N MET C 1 -52.39 -39.66 6.69
CA MET C 1 -51.39 -39.25 5.65
C MET C 1 -50.98 -40.48 4.84
N GLU C 2 -51.33 -40.51 3.56
CA GLU C 2 -50.83 -41.53 2.66
C GLU C 2 -49.79 -40.87 1.76
N PHE C 3 -48.55 -41.34 1.81
CA PHE C 3 -47.58 -40.97 0.77
C PHE C 3 -47.44 -42.11 -0.23
N LYS C 4 -47.68 -41.79 -1.51
CA LYS C 4 -47.44 -42.72 -2.64
C LYS C 4 -46.01 -42.53 -3.19
N LEU C 5 -45.26 -43.62 -3.25
CA LEU C 5 -43.97 -43.66 -3.87
C LEU C 5 -44.16 -44.35 -5.25
N GLN C 6 -43.81 -43.64 -6.29
CA GLN C 6 -43.66 -44.25 -7.62
C GLN C 6 -42.22 -44.19 -8.10
N GLU C 7 -41.84 -45.16 -8.94
CA GLU C 7 -40.54 -45.13 -9.61
C GLU C 7 -40.78 -45.14 -11.10
N LEU C 8 -40.12 -44.24 -11.81
CA LEU C 8 -40.15 -44.26 -13.25
C LEU C 8 -38.82 -44.76 -13.77
N ASN C 9 -38.89 -45.69 -14.70
CA ASN C 9 -37.71 -46.09 -15.43
C ASN C 9 -37.40 -45.04 -16.48
N LEU C 10 -36.14 -44.81 -16.70
CA LEU C 10 -35.78 -43.90 -17.74
C LEU C 10 -35.72 -44.69 -19.04
N THR C 11 -34.84 -44.26 -19.92
CA THR C 11 -35.05 -44.47 -21.32
C THR C 11 -34.11 -45.54 -21.89
N ASN C 12 -32.99 -45.78 -21.20
CA ASN C 12 -32.19 -46.97 -21.49
C ASN C 12 -31.81 -47.68 -20.19
N GLN C 13 -30.53 -47.57 -19.82
CA GLN C 13 -29.94 -48.31 -18.72
C GLN C 13 -28.56 -47.73 -18.49
N ASP C 14 -28.16 -47.72 -17.24
CA ASP C 14 -26.93 -47.09 -16.76
C ASP C 14 -26.57 -45.73 -17.30
N THR C 15 -27.55 -44.83 -17.22
CA THR C 15 -27.43 -43.43 -17.66
C THR C 15 -26.93 -42.51 -16.56
N GLY C 16 -27.10 -42.90 -15.30
CA GLY C 16 -26.55 -42.06 -14.21
C GLY C 16 -27.29 -40.78 -13.89
N PRO C 17 -28.60 -40.90 -13.56
CA PRO C 17 -29.40 -39.74 -13.19
C PRO C 17 -28.83 -39.11 -11.90
N TYR C 18 -28.76 -37.78 -11.87
CA TYR C 18 -28.03 -37.09 -10.75
C TYR C 18 -28.79 -35.85 -10.29
N GLY C 19 -28.81 -34.85 -11.15
CA GLY C 19 -29.46 -33.59 -10.90
C GLY C 19 -30.89 -33.60 -11.44
N ILE C 20 -31.75 -32.85 -10.76
CA ILE C 20 -33.16 -32.80 -11.17
C ILE C 20 -33.82 -31.48 -10.76
N THR C 21 -34.70 -30.96 -11.60
CA THR C 21 -35.42 -29.74 -11.29
C THR C 21 -36.73 -29.80 -12.10
N VAL C 22 -37.62 -28.84 -11.90
CA VAL C 22 -38.92 -28.91 -12.61
C VAL C 22 -39.33 -27.47 -12.89
N SER C 23 -39.89 -27.26 -14.07
CA SER C 23 -40.30 -25.94 -14.51
C SER C 23 -41.55 -25.52 -13.78
N ASP C 24 -41.87 -24.24 -13.87
CA ASP C 24 -43.11 -23.73 -13.27
C ASP C 24 -44.34 -24.40 -13.83
N LYS C 25 -44.21 -24.97 -15.02
CA LYS C 25 -45.34 -25.64 -15.63
C LYS C 25 -45.30 -27.15 -15.51
N GLY C 26 -44.36 -27.66 -14.71
CA GLY C 26 -44.40 -29.06 -14.26
C GLY C 26 -43.55 -30.03 -15.08
N LYS C 27 -42.76 -29.50 -16.01
CA LYS C 27 -41.87 -30.32 -16.87
C LYS C 27 -40.59 -30.61 -16.06
N VAL C 28 -40.23 -31.89 -15.98
CA VAL C 28 -39.11 -32.34 -15.10
C VAL C 28 -37.91 -32.53 -16.01
N TRP C 29 -36.76 -32.03 -15.56
CA TRP C 29 -35.50 -32.06 -16.28
C TRP C 29 -34.46 -32.74 -15.35
N ILE C 30 -33.68 -33.67 -15.92
CA ILE C 30 -32.70 -34.49 -15.24
C ILE C 30 -31.35 -34.47 -15.94
N THR C 31 -30.26 -34.41 -15.17
CA THR C 31 -28.93 -34.73 -15.75
C THR C 31 -28.61 -36.21 -15.59
N GLN C 32 -27.95 -36.74 -16.62
CA GLN C 32 -27.57 -38.14 -16.73
C GLN C 32 -26.06 -38.21 -16.99
N HIS C 33 -25.26 -38.28 -15.93
CA HIS C 33 -23.82 -38.12 -16.12
C HIS C 33 -23.13 -39.27 -16.89
N LYS C 34 -23.69 -40.49 -16.85
CA LYS C 34 -23.06 -41.62 -17.58
C LYS C 34 -23.49 -41.59 -19.01
N ALA C 35 -24.76 -41.33 -19.26
CA ALA C 35 -25.21 -41.21 -20.63
C ALA C 35 -24.81 -39.88 -21.27
N ASN C 36 -24.30 -38.93 -20.49
CA ASN C 36 -23.80 -37.65 -21.04
C ASN C 36 -24.95 -36.92 -21.75
N MET C 37 -26.06 -36.88 -21.04
CA MET C 37 -27.24 -36.23 -21.56
C MET C 37 -28.13 -35.63 -20.50
N ILE C 38 -29.05 -34.80 -20.95
CA ILE C 38 -30.14 -34.29 -20.12
C ILE C 38 -31.43 -34.78 -20.73
N SER C 39 -32.39 -35.17 -19.88
CA SER C 39 -33.68 -35.65 -20.35
C SER C 39 -34.74 -34.75 -19.70
N CYS C 40 -35.87 -34.61 -20.38
CA CYS C 40 -37.02 -33.95 -19.79
C CYS C 40 -38.24 -34.87 -19.90
N ILE C 41 -39.10 -34.77 -18.92
CA ILE C 41 -40.29 -35.62 -18.83
C ILE C 41 -41.49 -34.70 -18.88
N ASN C 42 -42.29 -34.82 -19.94
CA ASN C 42 -43.56 -34.07 -20.00
C ASN C 42 -44.63 -34.52 -18.99
N LEU C 43 -45.72 -33.74 -18.91
CA LEU C 43 -46.82 -34.10 -18.03
C LEU C 43 -47.45 -35.42 -18.44
N ASP C 44 -47.46 -35.70 -19.73
CA ASP C 44 -47.96 -36.98 -20.20
C ASP C 44 -46.99 -38.12 -19.99
N GLY C 45 -45.77 -37.85 -19.51
CA GLY C 45 -44.80 -38.94 -19.29
C GLY C 45 -43.86 -39.23 -20.46
N LYS C 46 -44.06 -38.56 -21.58
CA LYS C 46 -43.13 -38.69 -22.68
C LYS C 46 -41.79 -38.03 -22.30
N ILE C 47 -40.70 -38.73 -22.58
CA ILE C 47 -39.35 -38.27 -22.29
C ILE C 47 -38.75 -37.74 -23.60
N THR C 48 -38.06 -36.60 -23.55
CA THR C 48 -37.28 -36.08 -24.67
C THR C 48 -35.81 -36.08 -24.21
N GLU C 49 -34.88 -36.45 -25.07
CA GLU C 49 -33.47 -36.40 -24.69
C GLU C 49 -32.64 -35.35 -25.39
N TYR C 50 -31.62 -34.87 -24.69
CA TYR C 50 -30.71 -33.89 -25.17
C TYR C 50 -29.26 -34.36 -24.90
N PRO C 51 -28.66 -35.13 -25.81
CA PRO C 51 -27.26 -35.52 -25.63
C PRO C 51 -26.32 -34.32 -25.75
N LEU C 52 -25.33 -34.27 -24.88
CA LEU C 52 -24.43 -33.14 -24.84
C LEU C 52 -23.39 -33.31 -25.98
N PRO C 53 -23.03 -32.19 -26.62
CA PRO C 53 -22.02 -32.19 -27.68
C PRO C 53 -20.64 -32.64 -27.18
N THR C 54 -20.23 -32.20 -26.00
CA THR C 54 -18.93 -32.52 -25.51
C THR C 54 -18.96 -33.91 -24.84
N PRO C 55 -18.17 -34.84 -25.37
CA PRO C 55 -18.16 -36.14 -24.75
C PRO C 55 -17.59 -36.15 -23.30
N ASP C 56 -18.08 -37.09 -22.50
CA ASP C 56 -17.58 -37.30 -21.17
CA ASP C 56 -17.57 -37.32 -21.13
C ASP C 56 -17.46 -36.01 -20.36
N ALA C 57 -18.58 -35.29 -20.30
CA ALA C 57 -18.62 -33.94 -19.72
C ALA C 57 -18.83 -33.97 -18.19
N LYS C 58 -19.23 -35.14 -17.67
CA LYS C 58 -19.69 -35.28 -16.26
C LYS C 58 -20.69 -34.17 -15.88
N VAL C 59 -21.82 -34.20 -16.58
CA VAL C 59 -22.91 -33.26 -16.35
C VAL C 59 -23.50 -33.49 -14.99
N MET C 60 -23.66 -32.41 -14.21
CA MET C 60 -23.98 -32.56 -12.78
C MET C 60 -25.29 -31.89 -12.43
N CYS C 61 -25.28 -30.56 -12.23
CA CYS C 61 -26.43 -29.86 -11.71
C CYS C 61 -27.03 -29.04 -12.83
N LEU C 62 -28.28 -28.69 -12.64
CA LEU C 62 -29.01 -27.95 -13.64
C LEU C 62 -29.99 -27.05 -12.98
N THR C 63 -30.41 -26.07 -13.75
CA THR C 63 -31.39 -25.10 -13.30
C THR C 63 -32.18 -24.59 -14.46
N ILE C 64 -33.38 -24.09 -14.20
CA ILE C 64 -34.19 -23.45 -15.24
C ILE C 64 -34.31 -21.95 -14.95
N SER C 65 -33.91 -21.13 -15.92
CA SER C 65 -33.87 -19.69 -15.74
C SER C 65 -35.29 -19.14 -15.88
N SER C 66 -35.45 -17.88 -15.50
CA SER C 66 -36.76 -17.23 -15.68
CA SER C 66 -36.75 -17.19 -15.68
C SER C 66 -37.16 -17.08 -17.13
N ASP C 67 -36.22 -17.06 -18.06
CA ASP C 67 -36.59 -17.08 -19.48
C ASP C 67 -36.80 -18.47 -20.08
N GLY C 68 -36.78 -19.50 -19.25
CA GLY C 68 -37.16 -20.83 -19.63
C GLY C 68 -36.06 -21.70 -20.20
N GLU C 69 -34.82 -21.24 -20.12
CA GLU C 69 -33.77 -22.05 -20.68
C GLU C 69 -33.20 -22.89 -19.54
N VAL C 70 -32.50 -23.97 -19.90
CA VAL C 70 -31.91 -24.88 -18.94
C VAL C 70 -30.43 -24.64 -18.91
N TRP C 71 -29.89 -24.30 -17.75
CA TRP C 71 -28.45 -24.11 -17.61
C TRP C 71 -27.92 -25.29 -16.77
N PHE C 72 -26.72 -25.75 -17.08
CA PHE C 72 -26.14 -26.93 -16.42
C PHE C 72 -24.59 -26.89 -16.36
N THR C 73 -24.05 -27.67 -15.47
CA THR C 73 -22.61 -27.71 -15.27
C THR C 73 -22.06 -28.96 -15.85
N GLU C 74 -20.93 -28.82 -16.56
CA GLU C 74 -20.13 -29.91 -17.12
C GLU C 74 -18.87 -30.04 -16.25
N ASN C 75 -18.97 -30.82 -15.20
CA ASN C 75 -18.01 -30.82 -14.13
C ASN C 75 -16.62 -31.29 -14.59
N ALA C 76 -16.57 -32.22 -15.53
CA ALA C 76 -15.32 -32.76 -15.93
C ALA C 76 -14.79 -32.01 -17.18
N ALA C 77 -15.67 -31.34 -17.96
CA ALA C 77 -15.28 -30.66 -19.19
C ALA C 77 -14.92 -29.20 -19.01
N ASN C 78 -15.07 -28.68 -17.78
CA ASN C 78 -14.75 -27.30 -17.44
C ASN C 78 -15.62 -26.30 -18.23
N LYS C 79 -16.92 -26.65 -18.37
CA LYS C 79 -17.90 -25.87 -19.15
C LYS C 79 -19.23 -25.65 -18.42
N ILE C 80 -19.93 -24.56 -18.82
CA ILE C 80 -21.31 -24.31 -18.50
C ILE C 80 -22.10 -24.46 -19.81
N GLY C 81 -23.23 -25.11 -19.72
CA GLY C 81 -24.08 -25.43 -20.85
C GLY C 81 -25.41 -24.80 -20.63
N ARG C 82 -26.12 -24.66 -21.76
CA ARG C 82 -27.40 -23.99 -21.86
C ARG C 82 -28.20 -24.65 -22.96
N ILE C 83 -29.48 -24.91 -22.68
CA ILE C 83 -30.38 -25.46 -23.71
C ILE C 83 -31.36 -24.32 -23.92
N THR C 84 -31.39 -23.77 -25.14
CA THR C 84 -32.32 -22.66 -25.44
C THR C 84 -33.76 -23.10 -25.56
N LYS C 85 -34.71 -22.14 -25.65
CA LYS C 85 -36.14 -22.53 -25.83
C LYS C 85 -36.31 -23.19 -27.21
N LYS C 86 -35.37 -22.98 -28.13
CA LYS C 86 -35.41 -23.73 -29.38
C LYS C 86 -34.89 -25.15 -29.28
N GLY C 87 -34.43 -25.57 -28.10
CA GLY C 87 -33.85 -26.89 -27.95
C GLY C 87 -32.38 -27.03 -28.36
N ILE C 88 -31.67 -25.92 -28.52
CA ILE C 88 -30.29 -25.92 -29.07
C ILE C 88 -29.38 -25.86 -27.87
N ILE C 89 -28.26 -26.56 -27.93
CA ILE C 89 -27.30 -26.57 -26.85
C ILE C 89 -26.12 -25.73 -27.19
N LYS C 90 -25.73 -24.86 -26.24
CA LYS C 90 -24.53 -24.03 -26.29
C LYS C 90 -23.70 -24.30 -25.04
N GLU C 91 -22.38 -24.41 -25.24
CA GLU C 91 -21.44 -24.62 -24.14
C GLU C 91 -20.47 -23.43 -24.09
N TYR C 92 -20.07 -23.03 -22.89
CA TYR C 92 -19.10 -21.98 -22.61
C TYR C 92 -18.01 -22.53 -21.73
N THR C 93 -16.77 -22.41 -22.21
CA THR C 93 -15.62 -22.93 -21.51
C THR C 93 -15.10 -21.92 -20.51
N LEU C 94 -14.82 -22.39 -19.29
CA LEU C 94 -14.35 -21.56 -18.20
C LEU C 94 -12.91 -21.10 -18.44
N PRO C 95 -12.53 -19.93 -17.91
CA PRO C 95 -11.24 -19.34 -18.26
C PRO C 95 -10.02 -19.97 -17.59
N ASN C 96 -10.24 -20.62 -16.47
CA ASN C 96 -9.17 -21.32 -15.79
C ASN C 96 -9.39 -22.81 -15.95
N PRO C 97 -8.33 -23.56 -16.18
CA PRO C 97 -8.51 -25.01 -16.35
C PRO C 97 -8.94 -25.77 -15.08
N ASP C 98 -9.58 -26.89 -15.28
CA ASP C 98 -9.95 -27.82 -14.19
C ASP C 98 -10.69 -27.18 -13.02
N SER C 99 -11.66 -26.35 -13.36
CA SER C 99 -12.39 -25.59 -12.38
C SER C 99 -13.42 -26.45 -11.66
N ALA C 100 -13.95 -27.49 -12.35
CA ALA C 100 -14.98 -28.40 -11.81
C ALA C 100 -16.24 -27.65 -11.37
N PRO C 101 -16.94 -27.02 -12.33
CA PRO C 101 -18.22 -26.38 -12.00
C PRO C 101 -19.16 -27.43 -11.47
N TYR C 102 -19.94 -27.09 -10.45
CA TYR C 102 -20.85 -28.02 -9.78
C TYR C 102 -22.29 -27.46 -9.64
N GLY C 103 -22.50 -26.72 -8.58
CA GLY C 103 -23.79 -26.11 -8.30
C GLY C 103 -24.12 -24.99 -9.28
N ILE C 104 -25.40 -24.75 -9.50
CA ILE C 104 -25.84 -23.69 -10.42
C ILE C 104 -27.24 -23.18 -10.10
N THR C 105 -27.48 -21.87 -10.28
CA THR C 105 -28.78 -21.26 -9.90
C THR C 105 -28.87 -19.92 -10.58
N GLU C 106 -30.06 -19.33 -10.61
CA GLU C 106 -30.21 -17.94 -11.13
C GLU C 106 -30.06 -16.93 -10.00
N GLY C 107 -29.38 -15.81 -10.28
CA GLY C 107 -29.19 -14.71 -9.31
C GLY C 107 -30.32 -13.70 -9.34
N PRO C 108 -30.21 -12.62 -8.50
CA PRO C 108 -31.20 -11.58 -8.29
C PRO C 108 -31.50 -10.82 -9.58
N ASN C 109 -30.55 -10.71 -10.52
CA ASN C 109 -30.76 -9.95 -11.73
C ASN C 109 -30.71 -10.76 -12.99
N GLY C 110 -30.93 -12.06 -12.87
CA GLY C 110 -31.09 -12.93 -14.00
C GLY C 110 -29.83 -13.52 -14.60
N ASP C 111 -28.67 -13.20 -14.08
CA ASP C 111 -27.43 -13.89 -14.46
C ASP C 111 -27.47 -15.29 -13.79
N ILE C 112 -26.66 -16.20 -14.31
CA ILE C 112 -26.58 -17.56 -13.80
C ILE C 112 -25.27 -17.71 -13.01
N TRP C 113 -25.40 -18.15 -11.76
CA TRP C 113 -24.29 -18.28 -10.86
C TRP C 113 -24.04 -19.74 -10.57
N PHE C 114 -22.75 -20.07 -10.43
CA PHE C 114 -22.30 -21.43 -10.24
C PHE C 114 -21.11 -21.50 -9.29
N THR C 115 -20.97 -22.65 -8.68
CA THR C 115 -19.75 -22.93 -7.93
C THR C 115 -18.73 -23.63 -8.78
N GLU C 116 -17.46 -23.44 -8.41
CA GLU C 116 -16.33 -24.14 -9.09
C GLU C 116 -15.65 -24.84 -7.99
N MET C 117 -15.92 -26.13 -7.89
CA MET C 117 -15.48 -26.88 -6.74
C MET C 117 -13.99 -26.97 -6.57
N ASN C 118 -13.26 -27.38 -7.61
CA ASN C 118 -11.81 -27.43 -7.56
C ASN C 118 -11.20 -26.00 -7.74
N GLY C 119 -11.85 -25.20 -8.57
CA GLY C 119 -11.41 -23.83 -8.81
C GLY C 119 -11.43 -22.91 -7.56
N ASN C 120 -12.23 -23.27 -6.58
CA ASN C 120 -12.32 -22.49 -5.34
C ASN C 120 -12.87 -21.10 -5.61
N ARG C 121 -13.91 -21.04 -6.45
CA ARG C 121 -14.48 -19.79 -6.84
C ARG C 121 -15.95 -19.85 -7.14
N ILE C 122 -16.57 -18.68 -7.22
CA ILE C 122 -17.96 -18.59 -7.60
C ILE C 122 -17.91 -17.90 -8.95
N GLY C 123 -18.71 -18.41 -9.89
CA GLY C 123 -18.72 -17.89 -11.23
C GLY C 123 -20.08 -17.29 -11.55
N ARG C 124 -20.10 -16.43 -12.52
CA ARG C 124 -21.32 -15.93 -13.02
C ARG C 124 -21.26 -15.69 -14.49
N ILE C 125 -22.37 -16.00 -15.18
CA ILE C 125 -22.42 -15.91 -16.62
C ILE C 125 -23.74 -15.20 -17.07
N THR C 126 -23.58 -14.24 -17.97
CA THR C 126 -24.72 -13.46 -18.52
C THR C 126 -25.39 -14.24 -19.64
N ASP C 127 -26.55 -13.75 -20.04
CA ASP C 127 -27.26 -14.34 -21.13
C ASP C 127 -26.48 -14.29 -22.42
N ASP C 128 -25.57 -13.35 -22.52
CA ASP C 128 -24.72 -13.22 -23.70
C ASP C 128 -23.41 -14.02 -23.62
N GLY C 129 -23.24 -14.84 -22.56
CA GLY C 129 -22.14 -15.78 -22.48
C GLY C 129 -20.87 -15.22 -21.81
N LYS C 130 -20.96 -13.99 -21.27
CA LYS C 130 -19.81 -13.36 -20.61
C LYS C 130 -19.67 -13.82 -19.12
N ILE C 131 -18.46 -14.25 -18.74
CA ILE C 131 -18.15 -14.92 -17.40
C ILE C 131 -17.35 -14.03 -16.49
N ARG C 132 -17.74 -13.91 -15.23
CA ARG C 132 -16.94 -13.26 -14.25
C ARG C 132 -16.84 -14.22 -13.07
N GLU C 133 -15.68 -14.22 -12.46
CA GLU C 133 -15.46 -15.08 -11.28
C GLU C 133 -14.98 -14.34 -10.04
N TYR C 134 -15.31 -14.90 -8.88
CA TYR C 134 -14.92 -14.39 -7.60
C TYR C 134 -14.23 -15.53 -6.85
N GLU C 135 -12.96 -15.32 -6.52
CA GLU C 135 -12.14 -16.25 -5.73
C GLU C 135 -12.63 -16.33 -4.26
N LEU C 136 -12.77 -17.54 -3.73
CA LEU C 136 -13.00 -17.73 -2.32
C LEU C 136 -11.72 -17.35 -1.54
N PRO C 137 -11.87 -16.75 -0.35
CA PRO C 137 -10.70 -16.30 0.41
C PRO C 137 -9.81 -17.39 1.00
N ASN C 138 -10.42 -18.49 1.43
CA ASN C 138 -9.75 -19.61 2.08
C ASN C 138 -9.50 -20.75 1.08
N LYS C 139 -8.24 -21.16 1.00
CA LYS C 139 -7.83 -22.23 0.04
C LYS C 139 -8.61 -23.49 0.38
N GLY C 140 -8.95 -24.27 -0.63
CA GLY C 140 -9.60 -25.57 -0.52
C GLY C 140 -10.98 -25.65 0.14
N SER C 141 -11.82 -24.68 -0.15
CA SER C 141 -13.13 -24.62 0.48
C SER C 141 -14.14 -25.56 -0.16
N TYR C 142 -13.93 -25.98 -1.42
CA TYR C 142 -14.86 -26.98 -2.07
C TYR C 142 -16.31 -26.49 -2.03
N PRO C 143 -16.57 -25.33 -2.69
CA PRO C 143 -17.94 -24.78 -2.85
C PRO C 143 -18.77 -25.78 -3.66
N SER C 144 -19.98 -26.06 -3.14
CA SER C 144 -20.78 -27.16 -3.69
CA SER C 144 -20.80 -27.16 -3.60
C SER C 144 -22.13 -26.65 -4.22
N PHE C 145 -23.20 -26.75 -3.48
CA PHE C 145 -24.50 -26.28 -3.90
C PHE C 145 -24.62 -24.79 -3.66
N ILE C 146 -25.46 -24.16 -4.48
CA ILE C 146 -25.70 -22.72 -4.45
C ILE C 146 -27.18 -22.44 -4.72
N THR C 147 -27.70 -21.39 -4.06
CA THR C 147 -29.07 -20.98 -4.17
C THR C 147 -29.22 -19.49 -3.89
N LEU C 148 -30.36 -18.98 -4.32
CA LEU C 148 -30.71 -17.58 -4.16
C LEU C 148 -31.51 -17.40 -2.86
N GLY C 149 -30.97 -16.58 -1.99
CA GLY C 149 -31.61 -16.25 -0.73
C GLY C 149 -32.66 -15.19 -0.84
N SER C 150 -33.41 -15.04 0.26
CA SER C 150 -34.46 -14.01 0.32
C SER C 150 -33.91 -12.61 0.45
N ASP C 151 -32.64 -12.48 0.81
CA ASP C 151 -31.92 -11.22 0.76
C ASP C 151 -31.30 -10.90 -0.60
N ASN C 152 -31.60 -11.73 -1.59
CA ASN C 152 -31.06 -11.59 -2.95
C ASN C 152 -29.56 -11.73 -3.08
N ALA C 153 -28.93 -12.31 -2.08
CA ALA C 153 -27.57 -12.75 -2.25
C ALA C 153 -27.62 -14.25 -2.60
N LEU C 154 -26.50 -14.72 -3.13
CA LEU C 154 -26.31 -16.11 -3.39
C LEU C 154 -25.70 -16.80 -2.16
N TRP C 155 -26.30 -17.92 -1.78
CA TRP C 155 -25.81 -18.68 -0.61
C TRP C 155 -25.36 -20.06 -1.04
N PHE C 156 -24.20 -20.48 -0.58
CA PHE C 156 -23.59 -21.71 -1.04
C PHE C 156 -22.90 -22.44 0.11
N THR C 157 -22.70 -23.73 -0.07
CA THR C 157 -21.98 -24.55 0.91
C THR C 157 -20.49 -24.63 0.54
N GLU C 158 -19.66 -24.62 1.57
CA GLU C 158 -18.22 -24.78 1.46
C GLU C 158 -17.94 -26.12 2.19
N ASN C 159 -17.91 -27.16 1.38
CA ASN C 159 -17.86 -28.55 1.91
C ASN C 159 -16.64 -28.88 2.75
N GLN C 160 -15.54 -28.23 2.43
CA GLN C 160 -14.31 -28.42 3.12
C GLN C 160 -13.83 -27.23 3.93
N ASN C 161 -14.63 -26.18 4.11
CA ASN C 161 -14.28 -25.08 4.99
C ASN C 161 -15.31 -25.03 6.12
N ASN C 162 -16.14 -26.06 6.21
CA ASN C 162 -17.15 -26.15 7.24
C ASN C 162 -17.95 -24.87 7.45
N ALA C 163 -18.36 -24.30 6.33
CA ALA C 163 -19.02 -23.00 6.30
C ALA C 163 -20.12 -22.90 5.25
N ILE C 164 -21.01 -21.97 5.52
CA ILE C 164 -21.98 -21.45 4.57
C ILE C 164 -21.47 -20.08 4.11
N GLY C 165 -21.38 -19.92 2.82
CA GLY C 165 -20.92 -18.68 2.23
C GLY C 165 -22.06 -17.89 1.67
N ARG C 166 -21.87 -16.58 1.69
CA ARG C 166 -22.85 -15.65 1.07
C ARG C 166 -22.07 -14.69 0.16
N ILE C 167 -22.50 -14.57 -1.08
CA ILE C 167 -21.89 -13.63 -2.04
C ILE C 167 -23.01 -12.75 -2.67
N THR C 168 -22.77 -11.44 -2.64
CA THR C 168 -23.76 -10.50 -3.18
C THR C 168 -23.51 -10.27 -4.64
N GLU C 169 -24.45 -9.58 -5.26
CA GLU C 169 -24.36 -9.26 -6.67
C GLU C 169 -23.12 -8.40 -6.95
N SER C 170 -22.60 -7.69 -5.94
CA SER C 170 -21.36 -6.89 -6.05
CA SER C 170 -21.39 -6.92 -6.14
C SER C 170 -20.13 -7.77 -5.94
N GLY C 171 -20.31 -9.00 -5.47
CA GLY C 171 -19.22 -9.96 -5.21
C GLY C 171 -18.59 -9.90 -3.82
N ASP C 172 -19.30 -9.32 -2.86
CA ASP C 172 -18.87 -9.29 -1.46
C ASP C 172 -19.12 -10.64 -0.84
N ILE C 173 -18.09 -11.24 -0.23
CA ILE C 173 -18.19 -12.56 0.38
C ILE C 173 -18.18 -12.54 1.91
N THR C 174 -19.15 -13.17 2.51
CA THR C 174 -19.13 -13.41 3.93
C THR C 174 -19.30 -14.90 4.23
N GLU C 175 -18.62 -15.41 5.25
CA GLU C 175 -18.70 -16.85 5.61
C GLU C 175 -19.09 -17.13 7.06
N PHE C 176 -19.99 -18.06 7.24
CA PHE C 176 -20.49 -18.45 8.57
C PHE C 176 -20.06 -19.86 8.91
N LYS C 177 -19.19 -20.03 9.92
CA LYS C 177 -18.80 -21.35 10.35
C LYS C 177 -19.95 -22.10 10.98
N ILE C 178 -20.01 -23.40 10.69
CA ILE C 178 -21.05 -24.28 11.20
C ILE C 178 -20.56 -24.81 12.58
N PRO C 179 -21.46 -24.83 13.56
CA PRO C 179 -20.99 -25.16 14.92
C PRO C 179 -20.56 -26.62 15.04
N THR C 180 -21.10 -27.50 14.21
CA THR C 180 -20.57 -28.87 14.14
C THR C 180 -19.21 -28.89 13.42
N PRO C 181 -18.15 -29.36 14.11
CA PRO C 181 -16.82 -29.44 13.43
C PRO C 181 -16.82 -30.32 12.20
N ALA C 182 -16.15 -29.87 11.09
CA ALA C 182 -15.86 -30.65 9.88
C ALA C 182 -17.07 -31.42 9.34
N SER C 183 -18.21 -30.73 9.31
CA SER C 183 -19.52 -31.35 9.13
C SER C 183 -19.86 -31.65 7.69
N GLY C 184 -19.13 -31.05 6.77
CA GLY C 184 -19.28 -31.40 5.35
C GLY C 184 -20.61 -30.96 4.70
N PRO C 185 -20.90 -29.64 4.69
CA PRO C 185 -22.18 -29.22 4.12
C PRO C 185 -22.19 -29.49 2.59
N VAL C 186 -23.35 -29.90 2.07
CA VAL C 186 -23.49 -30.19 0.63
C VAL C 186 -24.71 -29.40 0.14
N GLY C 187 -25.89 -30.05 0.24
CA GLY C 187 -27.07 -29.43 -0.37
C GLY C 187 -27.44 -28.16 0.42
N ILE C 188 -28.02 -27.21 -0.27
CA ILE C 188 -28.58 -26.00 0.35
C ILE C 188 -29.73 -25.52 -0.50
N THR C 189 -30.73 -24.97 0.15
CA THR C 189 -31.89 -24.46 -0.53
C THR C 189 -32.54 -23.35 0.33
N LYS C 190 -33.37 -22.56 -0.30
CA LYS C 190 -34.16 -21.62 0.46
C LYS C 190 -35.45 -22.31 0.95
N GLY C 191 -35.74 -22.18 2.25
CA GLY C 191 -37.01 -22.62 2.80
C GLY C 191 -38.10 -21.58 2.62
N ASN C 192 -39.34 -22.05 2.67
CA ASN C 192 -40.48 -21.11 2.62
C ASN C 192 -40.53 -20.13 3.79
N ASP C 193 -39.82 -20.43 4.87
CA ASP C 193 -39.65 -19.52 6.01
C ASP C 193 -38.53 -18.47 5.83
N ASP C 194 -37.97 -18.43 4.62
CA ASP C 194 -36.92 -17.55 4.16
C ASP C 194 -35.57 -17.66 4.82
N ALA C 195 -35.33 -18.72 5.60
CA ALA C 195 -33.97 -19.07 5.95
C ALA C 195 -33.45 -20.01 4.86
N LEU C 196 -32.13 -20.19 4.86
CA LEU C 196 -31.50 -21.21 4.02
C LEU C 196 -31.45 -22.48 4.83
N TRP C 197 -31.69 -23.61 4.17
CA TRP C 197 -31.62 -24.89 4.79
C TRP C 197 -30.59 -25.69 4.09
N PHE C 198 -29.76 -26.38 4.85
CA PHE C 198 -28.69 -27.18 4.27
C PHE C 198 -28.52 -28.54 4.93
N VAL C 199 -27.74 -29.40 4.28
CA VAL C 199 -27.44 -30.69 4.91
C VAL C 199 -25.94 -30.86 5.21
N GLU C 200 -25.62 -31.61 6.27
CA GLU C 200 -24.24 -31.92 6.68
C GLU C 200 -23.98 -33.42 6.45
N ILE C 201 -23.16 -33.74 5.46
CA ILE C 201 -23.03 -35.15 4.99
C ILE C 201 -22.29 -35.99 6.04
N ILE C 202 -21.38 -35.33 6.73
CA ILE C 202 -20.62 -35.92 7.82
C ILE C 202 -21.33 -35.66 9.13
N GLY C 203 -21.78 -34.43 9.36
CA GLY C 203 -22.41 -34.07 10.64
C GLY C 203 -23.68 -34.87 10.91
N ASN C 204 -24.27 -35.38 9.84
CA ASN C 204 -25.54 -36.10 9.87
C ASN C 204 -26.65 -35.23 10.47
N LYS C 205 -26.75 -34.00 9.96
CA LYS C 205 -27.74 -33.02 10.47
C LYS C 205 -28.29 -32.22 9.34
N ILE C 206 -29.51 -31.72 9.54
CA ILE C 206 -30.04 -30.62 8.76
C ILE C 206 -29.80 -29.34 9.52
N GLY C 207 -29.29 -28.33 8.80
CA GLY C 207 -28.99 -27.03 9.30
C GLY C 207 -29.91 -25.99 8.71
N ARG C 208 -30.22 -24.97 9.51
CA ARG C 208 -30.96 -23.77 9.08
C ARG C 208 -30.07 -22.55 9.40
N ILE C 209 -29.94 -21.63 8.46
CA ILE C 209 -29.19 -20.40 8.69
C ILE C 209 -30.04 -19.30 8.13
N THR C 210 -30.32 -18.34 8.99
CA THR C 210 -31.07 -17.16 8.58
C THR C 210 -30.19 -16.24 7.79
N THR C 211 -30.79 -15.31 7.05
CA THR C 211 -30.02 -14.40 6.20
C THR C 211 -29.16 -13.48 7.05
N SER C 212 -29.40 -13.42 8.37
CA SER C 212 -28.47 -12.76 9.31
C SER C 212 -27.31 -13.61 9.83
N GLY C 213 -27.30 -14.90 9.50
CA GLY C 213 -26.22 -15.76 9.91
C GLY C 213 -26.49 -16.65 11.12
N GLU C 214 -27.73 -16.66 11.59
CA GLU C 214 -28.06 -17.45 12.80
C GLU C 214 -28.32 -18.89 12.42
N ILE C 215 -27.50 -19.79 12.97
CA ILE C 215 -27.56 -21.22 12.70
C ILE C 215 -28.26 -22.05 13.77
N THR C 216 -29.11 -22.98 13.34
CA THR C 216 -29.63 -24.03 14.24
C THR C 216 -29.45 -25.33 13.49
N GLU C 217 -29.42 -26.44 14.20
CA GLU C 217 -29.19 -27.77 13.54
C GLU C 217 -30.14 -28.79 14.10
N PHE C 218 -30.48 -29.80 13.30
CA PHE C 218 -31.45 -30.87 13.66
C PHE C 218 -30.85 -32.22 13.27
N LYS C 219 -30.72 -33.15 14.22
CA LYS C 219 -30.14 -34.46 13.97
C LYS C 219 -31.02 -35.31 13.09
N ILE C 220 -30.40 -35.89 12.07
CA ILE C 220 -31.04 -36.92 11.25
C ILE C 220 -31.15 -38.27 12.03
N PRO C 221 -32.37 -38.79 12.21
CA PRO C 221 -32.63 -40.03 12.94
C PRO C 221 -31.77 -41.22 12.53
N THR C 222 -31.62 -41.45 11.23
CA THR C 222 -30.84 -42.59 10.75
C THR C 222 -29.34 -42.24 10.80
N PRO C 223 -28.57 -42.98 11.60
CA PRO C 223 -27.14 -42.67 11.66
C PRO C 223 -26.40 -42.83 10.32
N ASN C 224 -25.44 -41.97 10.08
CA ASN C 224 -24.64 -42.03 8.85
C ASN C 224 -25.51 -42.10 7.58
N ALA C 225 -26.53 -41.25 7.53
CA ALA C 225 -27.47 -41.22 6.41
C ALA C 225 -26.82 -40.68 5.14
N ARG C 226 -25.75 -39.91 5.30
CA ARG C 226 -25.16 -39.23 4.14
C ARG C 226 -26.19 -38.43 3.31
N PRO C 227 -26.83 -37.42 3.92
CA PRO C 227 -27.72 -36.56 3.15
C PRO C 227 -26.94 -35.77 2.07
N HIS C 228 -27.57 -35.55 0.90
CA HIS C 228 -26.93 -34.93 -0.21
C HIS C 228 -27.64 -33.60 -0.58
N ALA C 229 -28.87 -33.71 -1.07
CA ALA C 229 -29.60 -32.56 -1.59
C ALA C 229 -30.87 -32.30 -0.79
N ILE C 230 -31.29 -31.03 -0.86
CA ILE C 230 -32.43 -30.55 -0.11
C ILE C 230 -33.28 -29.56 -0.89
N THR C 231 -34.60 -29.59 -0.66
CA THR C 231 -35.56 -28.71 -1.36
C THR C 231 -36.74 -28.33 -0.46
N ALA C 232 -37.37 -27.19 -0.74
CA ALA C 232 -38.57 -26.81 -0.01
C ALA C 232 -39.72 -27.70 -0.46
N GLY C 233 -40.60 -28.08 0.46
CA GLY C 233 -41.87 -28.72 0.08
C GLY C 233 -43.02 -27.73 0.22
N ALA C 234 -44.16 -28.25 0.64
CA ALA C 234 -45.31 -27.44 1.03
C ALA C 234 -45.12 -26.83 2.40
N GLY C 235 -45.56 -25.59 2.55
CA GLY C 235 -45.59 -24.89 3.83
C GLY C 235 -44.19 -24.80 4.33
N ILE C 236 -43.90 -25.24 5.55
CA ILE C 236 -42.52 -25.16 6.01
C ILE C 236 -41.72 -26.45 5.92
N ASP C 237 -42.20 -27.42 5.14
CA ASP C 237 -41.44 -28.63 4.93
C ASP C 237 -40.15 -28.42 4.12
N LEU C 238 -39.13 -29.21 4.47
CA LEU C 238 -37.96 -29.51 3.65
C LEU C 238 -37.83 -31.03 3.48
N TRP C 239 -37.46 -31.41 2.28
CA TRP C 239 -37.31 -32.76 1.83
C TRP C 239 -35.88 -32.91 1.43
N PHE C 240 -35.28 -34.03 1.80
CA PHE C 240 -33.90 -34.29 1.47
C PHE C 240 -33.57 -35.76 1.12
N THR C 241 -32.56 -35.92 0.30
CA THR C 241 -32.11 -37.26 -0.08
C THR C 241 -31.10 -37.79 0.98
N GLU C 242 -31.30 -39.02 1.40
CA GLU C 242 -30.32 -39.72 2.20
C GLU C 242 -29.67 -40.68 1.30
N TRP C 243 -28.60 -40.23 0.67
CA TRP C 243 -27.82 -41.04 -0.28
C TRP C 243 -27.30 -42.36 0.32
N GLY C 244 -26.84 -42.29 1.55
CA GLY C 244 -26.28 -43.46 2.23
C GLY C 244 -27.35 -44.37 2.74
N ALA C 245 -28.43 -43.85 3.28
CA ALA C 245 -29.46 -44.66 3.88
C ALA C 245 -30.57 -45.12 2.85
N ASN C 246 -30.54 -44.60 1.63
CA ASN C 246 -31.53 -44.93 0.62
C ASN C 246 -32.95 -44.62 1.09
N LYS C 247 -33.11 -43.40 1.55
CA LYS C 247 -34.32 -42.97 2.15
C LYS C 247 -34.49 -41.55 1.70
N ILE C 248 -35.74 -41.11 1.76
CA ILE C 248 -36.09 -39.71 1.58
C ILE C 248 -36.50 -39.11 2.94
N GLY C 249 -35.84 -38.06 3.38
CA GLY C 249 -36.08 -37.41 4.64
C GLY C 249 -36.98 -36.19 4.46
N ARG C 250 -37.73 -35.87 5.50
CA ARG C 250 -38.69 -34.78 5.46
C ARG C 250 -38.59 -34.11 6.80
N LEU C 251 -38.24 -32.84 6.84
CA LEU C 251 -38.32 -32.06 8.08
C LEU C 251 -39.62 -31.25 7.96
N THR C 252 -40.46 -31.34 8.96
CA THR C 252 -41.81 -30.77 8.90
C THR C 252 -42.00 -29.99 10.17
N SER C 253 -43.24 -29.77 10.57
CA SER C 253 -43.53 -28.80 11.63
C SER C 253 -42.81 -29.09 12.95
N ASN C 254 -42.45 -28.04 13.67
CA ASN C 254 -41.61 -28.16 14.89
C ASN C 254 -40.28 -28.88 14.67
N ASN C 255 -39.82 -28.83 13.42
CA ASN C 255 -38.56 -29.39 13.05
C ASN C 255 -38.42 -30.87 13.40
N ILE C 256 -39.50 -31.61 13.21
CA ILE C 256 -39.42 -33.04 13.36
C ILE C 256 -39.11 -33.62 11.97
N ILE C 257 -38.25 -34.64 11.96
CA ILE C 257 -37.79 -35.30 10.73
C ILE C 257 -38.32 -36.71 10.55
N GLU C 258 -39.02 -36.94 9.45
CA GLU C 258 -39.57 -38.22 9.16
C GLU C 258 -38.71 -38.83 8.05
N GLU C 259 -38.74 -40.14 7.85
CA GLU C 259 -37.95 -40.77 6.81
C GLU C 259 -38.81 -41.79 6.07
N TYR C 260 -38.60 -41.85 4.77
CA TYR C 260 -39.36 -42.66 3.88
C TYR C 260 -38.44 -43.59 3.10
N PRO C 261 -38.48 -44.89 3.41
CA PRO C 261 -37.58 -45.82 2.68
C PRO C 261 -37.94 -45.90 1.20
N ILE C 262 -36.91 -46.04 0.36
CA ILE C 262 -37.11 -46.21 -1.04
C ILE C 262 -37.24 -47.73 -1.38
N GLN C 263 -36.50 -48.55 -0.64
CA GLN C 263 -36.46 -50.00 -0.82
C GLN C 263 -36.18 -50.40 -2.26
N ILE C 264 -35.06 -49.88 -2.77
CA ILE C 264 -34.55 -50.29 -4.08
C ILE C 264 -33.06 -50.51 -3.92
N LYS C 265 -32.54 -51.64 -4.40
CA LYS C 265 -31.10 -51.92 -4.30
C LYS C 265 -30.25 -50.76 -4.83
N SER C 266 -29.27 -50.38 -4.04
CA SER C 266 -28.35 -49.31 -4.43
C SER C 266 -29.06 -48.08 -4.97
N ALA C 267 -30.20 -47.71 -4.38
CA ALA C 267 -31.01 -46.56 -4.88
C ALA C 267 -30.17 -45.29 -5.05
N GLU C 268 -29.50 -44.94 -3.96
CA GLU C 268 -28.49 -43.91 -3.99
C GLU C 268 -29.08 -42.60 -4.55
N PRO C 269 -30.12 -42.07 -3.88
CA PRO C 269 -30.69 -40.82 -4.37
C PRO C 269 -29.70 -39.63 -4.32
N HIS C 270 -29.79 -38.78 -5.35
CA HIS C 270 -29.00 -37.59 -5.41
C HIS C 270 -29.88 -36.35 -5.36
N GLY C 271 -30.19 -35.75 -6.51
CA GLY C 271 -30.95 -34.55 -6.53
C GLY C 271 -32.40 -34.74 -6.16
N ILE C 272 -33.01 -33.62 -5.75
CA ILE C 272 -34.41 -33.63 -5.33
C ILE C 272 -35.07 -32.30 -5.69
N CYS C 273 -36.34 -32.35 -6.10
CA CYS C 273 -37.14 -31.11 -6.31
CA CYS C 273 -37.15 -31.13 -6.35
C CYS C 273 -38.64 -31.31 -6.03
N PHE C 274 -39.39 -30.22 -6.03
CA PHE C 274 -40.84 -30.23 -5.63
C PHE C 274 -41.58 -29.46 -6.68
N ASP C 275 -42.64 -30.02 -7.23
CA ASP C 275 -43.42 -29.35 -8.24
C ASP C 275 -44.71 -28.74 -7.66
N GLY C 276 -44.83 -28.62 -6.34
CA GLY C 276 -46.07 -28.11 -5.74
C GLY C 276 -46.98 -29.19 -5.15
N GLU C 277 -46.81 -30.40 -5.62
CA GLU C 277 -47.58 -31.56 -5.16
C GLU C 277 -46.71 -32.83 -4.94
N THR C 278 -45.80 -33.05 -5.87
CA THR C 278 -44.94 -34.23 -5.88
C THR C 278 -43.45 -33.86 -5.61
N ILE C 279 -42.83 -34.64 -4.74
CA ILE C 279 -41.39 -34.67 -4.55
C ILE C 279 -40.75 -35.58 -5.57
N TRP C 280 -39.85 -35.03 -6.35
CA TRP C 280 -39.20 -35.83 -7.38
C TRP C 280 -37.73 -36.00 -7.01
N PHE C 281 -37.14 -37.20 -7.19
CA PHE C 281 -35.74 -37.38 -6.93
C PHE C 281 -35.07 -38.31 -7.91
N ALA C 282 -33.76 -38.08 -8.10
CA ALA C 282 -32.97 -38.83 -9.09
C ALA C 282 -32.17 -39.94 -8.39
N MET C 283 -32.18 -41.17 -8.89
CA MET C 283 -31.48 -42.31 -8.24
C MET C 283 -30.43 -42.83 -9.16
N GLU C 284 -29.28 -43.24 -8.59
CA GLU C 284 -28.18 -43.68 -9.41
C GLU C 284 -28.55 -44.97 -10.22
N CYS C 285 -29.56 -45.72 -9.75
CA CYS C 285 -29.98 -46.96 -10.39
C CYS C 285 -30.96 -46.78 -11.56
N ASP C 286 -30.87 -45.66 -12.28
CA ASP C 286 -31.64 -45.38 -13.54
C ASP C 286 -33.14 -45.23 -13.37
N LYS C 287 -33.53 -44.61 -12.28
CA LYS C 287 -34.92 -44.45 -11.99
C LYS C 287 -35.09 -43.08 -11.43
N ILE C 288 -36.29 -42.53 -11.62
CA ILE C 288 -36.65 -41.29 -11.03
C ILE C 288 -37.72 -41.71 -10.02
N GLY C 289 -37.61 -41.19 -8.82
CA GLY C 289 -38.63 -41.46 -7.80
C GLY C 289 -39.61 -40.30 -7.65
N LYS C 290 -40.86 -40.63 -7.36
CA LYS C 290 -41.88 -39.61 -7.08
C LYS C 290 -42.59 -39.95 -5.76
N LEU C 291 -42.65 -38.97 -4.89
CA LEU C 291 -43.35 -39.13 -3.64
C LEU C 291 -44.43 -38.08 -3.56
N THR C 292 -45.67 -38.53 -3.47
CA THR C 292 -46.77 -37.59 -3.32
C THR C 292 -47.74 -37.97 -2.23
N LEU C 293 -48.11 -36.95 -1.46
CA LEU C 293 -49.12 -37.09 -0.42
C LEU C 293 -50.43 -37.33 -1.14
N ILE C 294 -51.15 -38.36 -0.75
CA ILE C 294 -52.44 -38.64 -1.34
C ILE C 294 -53.55 -37.82 -0.67
N LYS C 295 -54.24 -37.01 -1.47
CA LYS C 295 -55.57 -36.49 -1.17
C LYS C 295 -56.51 -37.12 -2.19
N ASP C 296 -57.56 -37.84 -1.77
CA ASP C 296 -58.46 -38.47 -2.78
C ASP C 296 -59.84 -37.79 -2.87
N ASN C 297 -59.85 -36.67 -3.59
CA ASN C 297 -61.10 -35.97 -3.90
C ASN C 297 -62.14 -36.85 -4.61
N MET C 298 -63.41 -36.53 -4.38
CA MET C 298 -64.53 -37.18 -5.06
C MET C 298 -65.39 -36.17 -5.82
N GLU C 299 -66.02 -36.66 -6.88
CA GLU C 299 -67.47 -36.52 -7.01
C GLU C 299 -67.95 -37.95 -7.22
N MET D 1 34.15 7.77 -47.08
CA MET D 1 32.90 8.23 -46.42
C MET D 1 33.16 8.84 -45.02
N GLU D 2 32.13 9.41 -44.41
CA GLU D 2 32.29 10.04 -43.13
C GLU D 2 31.03 9.75 -42.36
N PHE D 3 31.19 9.36 -41.11
CA PHE D 3 30.02 9.21 -40.22
C PHE D 3 30.32 9.80 -38.88
N LYS D 4 29.30 10.36 -38.25
CA LYS D 4 29.39 10.98 -36.94
C LYS D 4 28.86 9.98 -35.94
N LEU D 5 29.51 9.87 -34.79
CA LEU D 5 29.02 8.95 -33.78
C LEU D 5 29.01 9.73 -32.51
N GLN D 6 27.83 9.86 -31.89
CA GLN D 6 27.74 10.54 -30.59
C GLN D 6 27.13 9.63 -29.57
N GLU D 7 27.43 9.90 -28.30
CA GLU D 7 26.81 9.17 -27.18
C GLU D 7 26.13 10.16 -26.27
N LEU D 8 24.91 9.81 -25.92
CA LEU D 8 24.06 10.62 -25.09
C LEU D 8 23.97 9.92 -23.74
N ASN D 9 24.26 10.66 -22.67
CA ASN D 9 24.20 10.16 -21.34
C ASN D 9 22.77 10.23 -20.85
N LEU D 10 22.29 9.11 -20.34
CA LEU D 10 20.98 9.05 -19.74
C LEU D 10 21.07 9.62 -18.32
N THR D 11 19.89 9.79 -17.71
CA THR D 11 19.74 10.67 -16.56
C THR D 11 20.11 10.08 -15.22
N ASN D 12 20.22 8.76 -15.13
CA ASN D 12 20.71 8.16 -13.85
C ASN D 12 21.60 7.02 -14.30
N GLN D 13 22.28 6.38 -13.35
CA GLN D 13 23.11 5.23 -13.67
C GLN D 13 22.46 3.84 -13.47
N ASP D 14 22.84 2.91 -14.33
CA ASP D 14 22.50 1.50 -14.24
C ASP D 14 21.06 1.28 -14.50
N THR D 15 20.51 1.96 -15.53
CA THR D 15 19.08 1.99 -15.77
C THR D 15 18.65 0.78 -16.61
N GLY D 16 19.64 0.14 -17.24
CA GLY D 16 19.41 -0.94 -18.24
C GLY D 16 18.62 -0.58 -19.48
N PRO D 17 19.12 0.36 -20.30
CA PRO D 17 18.45 0.75 -21.54
C PRO D 17 18.43 -0.45 -22.45
N TYR D 18 17.32 -0.71 -23.16
CA TYR D 18 17.18 -1.98 -23.90
C TYR D 18 16.41 -1.78 -25.16
N GLY D 19 15.13 -1.48 -25.03
CA GLY D 19 14.31 -1.31 -26.23
C GLY D 19 14.33 0.16 -26.64
N ILE D 20 14.22 0.44 -27.96
CA ILE D 20 14.29 1.83 -28.41
C ILE D 20 13.45 2.00 -29.62
N THR D 21 12.72 3.10 -29.67
CA THR D 21 11.94 3.43 -30.87
C THR D 21 11.85 4.92 -31.02
N VAL D 22 11.29 5.36 -32.13
CA VAL D 22 11.31 6.79 -32.45
C VAL D 22 10.01 7.16 -33.05
N SER D 23 9.46 8.26 -32.58
CA SER D 23 8.15 8.77 -33.01
C SER D 23 8.27 9.39 -34.39
N ASP D 24 7.14 9.58 -35.08
N ASP D 24 7.10 9.61 -35.00
CA ASP D 24 7.19 10.23 -36.38
CA ASP D 24 6.95 10.31 -36.29
C ASP D 24 7.92 11.58 -36.20
C ASP D 24 7.55 11.72 -36.29
N LYS D 25 7.66 12.30 -35.09
CA LYS D 25 8.27 13.62 -34.89
C LYS D 25 9.72 13.61 -34.41
N GLY D 26 10.29 12.42 -34.27
CA GLY D 26 11.72 12.29 -33.95
C GLY D 26 12.05 12.16 -32.45
N LYS D 27 11.02 12.02 -31.63
CA LYS D 27 11.21 11.82 -30.21
C LYS D 27 11.57 10.37 -30.02
N VAL D 28 12.64 10.14 -29.24
CA VAL D 28 13.19 8.79 -29.03
C VAL D 28 12.69 8.23 -27.67
N TRP D 29 12.11 7.05 -27.71
CA TRP D 29 11.57 6.40 -26.47
C TRP D 29 12.36 5.15 -26.21
N ILE D 30 12.74 4.95 -24.96
CA ILE D 30 13.53 3.82 -24.56
C ILE D 30 12.90 3.10 -23.39
N THR D 31 13.06 1.78 -23.35
CA THR D 31 12.76 1.01 -22.14
C THR D 31 14.03 0.88 -21.31
N GLN D 32 13.89 1.00 -20.02
CA GLN D 32 14.96 0.85 -19.04
C GLN D 32 14.58 -0.16 -17.96
N HIS D 33 15.03 -1.38 -18.14
CA HIS D 33 14.44 -2.47 -17.39
C HIS D 33 14.94 -2.54 -15.94
N LYS D 34 16.18 -2.09 -15.69
CA LYS D 34 16.71 -2.03 -14.35
C LYS D 34 16.00 -0.90 -13.55
N ALA D 35 15.84 0.27 -14.19
CA ALA D 35 15.18 1.40 -13.52
C ALA D 35 13.66 1.25 -13.44
N ASN D 36 13.10 0.29 -14.18
CA ASN D 36 11.67 0.00 -14.21
C ASN D 36 10.93 1.26 -14.69
N MET D 37 11.37 1.80 -15.82
CA MET D 37 10.80 3.01 -16.35
C MET D 37 11.02 3.06 -17.85
N ILE D 38 10.27 3.97 -18.49
CA ILE D 38 10.49 4.35 -19.88
C ILE D 38 10.86 5.83 -19.91
N SER D 39 11.84 6.19 -20.75
CA SER D 39 12.21 7.60 -20.91
C SER D 39 11.98 8.03 -22.37
N CYS D 40 11.63 9.29 -22.54
CA CYS D 40 11.52 9.98 -23.81
CA CYS D 40 11.64 9.90 -23.85
C CYS D 40 12.59 11.09 -23.88
N ILE D 41 13.25 11.20 -25.04
CA ILE D 41 14.31 12.15 -25.30
C ILE D 41 13.74 13.07 -26.35
N ASN D 42 13.50 14.31 -25.93
CA ASN D 42 12.86 15.32 -26.79
C ASN D 42 13.88 15.84 -27.77
N LEU D 43 13.45 16.60 -28.77
CA LEU D 43 14.41 17.04 -29.77
C LEU D 43 15.50 17.94 -29.23
N ASP D 44 15.15 18.74 -28.24
CA ASP D 44 16.08 19.63 -27.56
C ASP D 44 16.95 18.92 -26.52
N GLY D 45 16.80 17.59 -26.43
CA GLY D 45 17.68 16.76 -25.61
C GLY D 45 17.18 16.54 -24.19
N LYS D 46 16.09 17.19 -23.80
CA LYS D 46 15.59 17.01 -22.43
C LYS D 46 14.99 15.62 -22.33
N ILE D 47 15.27 14.91 -21.23
CA ILE D 47 14.76 13.56 -21.02
C ILE D 47 13.63 13.59 -20.01
N THR D 48 12.58 12.86 -20.27
CA THR D 48 11.43 12.78 -19.41
C THR D 48 11.35 11.28 -18.96
N GLU D 49 11.13 11.03 -17.67
CA GLU D 49 11.12 9.67 -17.14
C GLU D 49 9.67 9.29 -16.84
N TYR D 50 9.27 8.06 -17.22
CA TYR D 50 7.94 7.46 -16.87
C TYR D 50 8.11 6.16 -16.09
N PRO D 51 8.14 6.26 -14.78
CA PRO D 51 8.28 5.13 -13.91
C PRO D 51 7.07 4.24 -13.99
N LEU D 52 7.29 2.93 -14.01
CA LEU D 52 6.15 2.03 -14.13
C LEU D 52 5.51 1.76 -12.72
N PRO D 53 4.19 1.74 -12.64
CA PRO D 53 3.55 1.46 -11.37
C PRO D 53 3.88 0.05 -10.84
N THR D 54 3.88 -0.94 -11.72
CA THR D 54 4.15 -2.30 -11.26
C THR D 54 5.65 -2.42 -11.05
N PRO D 55 6.06 -2.71 -9.79
CA PRO D 55 7.48 -2.95 -9.50
C PRO D 55 8.06 -4.13 -10.26
N ASP D 56 9.36 -4.09 -10.54
CA ASP D 56 10.07 -5.19 -11.08
C ASP D 56 9.38 -5.80 -12.31
N ALA D 57 8.93 -4.91 -13.17
CA ALA D 57 8.17 -5.33 -14.36
C ALA D 57 9.00 -6.04 -15.46
N LYS D 58 10.31 -5.80 -15.48
CA LYS D 58 11.22 -6.14 -16.64
C LYS D 58 10.65 -5.66 -17.99
N VAL D 59 10.55 -4.34 -18.10
CA VAL D 59 10.00 -3.76 -19.30
C VAL D 59 11.00 -3.99 -20.42
N MET D 60 10.55 -4.53 -21.54
CA MET D 60 11.41 -4.94 -22.60
C MET D 60 11.25 -4.12 -23.86
N CYS D 61 10.16 -4.30 -24.58
CA CYS D 61 10.03 -3.62 -25.90
C CYS D 61 8.93 -2.64 -25.87
N LEU D 62 8.98 -1.71 -26.83
CA LEU D 62 7.94 -0.67 -26.88
C LEU D 62 7.63 -0.28 -28.32
N THR D 63 6.48 0.33 -28.50
CA THR D 63 6.13 0.80 -29.82
C THR D 63 5.28 2.01 -29.71
N ILE D 64 5.24 2.82 -30.77
CA ILE D 64 4.40 4.02 -30.78
C ILE D 64 3.25 3.81 -31.72
N SER D 65 2.03 3.86 -31.24
CA SER D 65 0.90 3.56 -32.13
C SER D 65 0.56 4.75 -33.03
N SER D 66 -0.27 4.52 -34.02
CA SER D 66 -0.72 5.61 -34.91
C SER D 66 -1.52 6.65 -34.21
N ASP D 67 -2.05 6.40 -33.03
CA ASP D 67 -2.56 7.64 -32.36
C ASP D 67 -1.63 8.18 -31.28
N GLY D 68 -0.35 7.89 -31.42
CA GLY D 68 0.66 8.50 -30.58
C GLY D 68 0.82 7.98 -29.16
N GLU D 69 0.26 6.83 -28.81
CA GLU D 69 0.45 6.31 -27.52
C GLU D 69 1.63 5.31 -27.54
N VAL D 70 2.21 5.11 -26.36
CA VAL D 70 3.37 4.25 -26.25
C VAL D 70 2.84 2.98 -25.62
N TRP D 71 2.97 1.87 -26.33
CA TRP D 71 2.65 0.54 -25.81
C TRP D 71 3.91 -0.30 -25.54
N PHE D 72 3.87 -1.09 -24.47
CA PHE D 72 5.08 -1.73 -24.02
C PHE D 72 4.81 -3.07 -23.31
N THR D 73 5.82 -3.90 -23.20
CA THR D 73 5.69 -5.23 -22.61
C THR D 73 6.40 -5.20 -21.27
N GLU D 74 5.67 -5.69 -20.29
CA GLU D 74 6.23 -6.01 -18.98
C GLU D 74 6.47 -7.54 -18.88
N ASN D 75 7.70 -7.92 -19.23
CA ASN D 75 8.04 -9.31 -19.48
C ASN D 75 8.00 -10.18 -18.23
N ALA D 76 8.30 -9.59 -17.06
CA ALA D 76 8.28 -10.35 -15.76
C ALA D 76 6.96 -10.20 -15.02
N ALA D 77 6.15 -9.19 -15.35
CA ALA D 77 4.87 -8.94 -14.62
C ALA D 77 3.64 -9.51 -15.33
N ASN D 78 3.81 -10.02 -16.55
CA ASN D 78 2.76 -10.67 -17.36
C ASN D 78 1.74 -9.61 -17.77
N LYS D 79 2.23 -8.42 -18.17
CA LYS D 79 1.34 -7.31 -18.55
C LYS D 79 1.78 -6.60 -19.80
N ILE D 80 0.79 -5.97 -20.43
CA ILE D 80 1.01 -5.01 -21.53
C ILE D 80 0.69 -3.64 -20.93
N GLY D 81 1.57 -2.70 -21.15
CA GLY D 81 1.34 -1.30 -20.69
C GLY D 81 1.12 -0.32 -21.84
N ARG D 82 0.52 0.81 -21.48
CA ARG D 82 0.18 1.84 -22.43
C ARG D 82 0.43 3.21 -21.78
N ILE D 83 1.11 4.12 -22.48
CA ILE D 83 1.23 5.50 -21.96
C ILE D 83 0.34 6.37 -22.85
N THR D 84 -0.74 6.91 -22.30
CA THR D 84 -1.60 7.77 -23.12
C THR D 84 -0.94 9.10 -23.48
N LYS D 85 -1.58 9.87 -24.37
CA LYS D 85 -1.08 11.21 -24.73
CA LYS D 85 -1.00 11.20 -24.71
C LYS D 85 -1.09 12.16 -23.54
N LYS D 86 -1.91 11.84 -22.55
CA LYS D 86 -2.01 12.69 -21.38
C LYS D 86 -0.98 12.23 -20.35
N GLY D 87 -0.11 11.27 -20.71
CA GLY D 87 0.92 10.83 -19.79
C GLY D 87 0.40 9.85 -18.75
N ILE D 88 -0.77 9.28 -18.97
CA ILE D 88 -1.26 8.37 -17.97
C ILE D 88 -0.85 6.96 -18.32
N ILE D 89 -0.41 6.18 -17.32
CA ILE D 89 -0.04 4.77 -17.55
C ILE D 89 -1.19 3.82 -17.11
N LYS D 90 -1.50 2.87 -18.00
CA LYS D 90 -2.48 1.82 -17.79
C LYS D 90 -1.79 0.48 -18.12
N GLU D 91 -2.10 -0.56 -17.35
CA GLU D 91 -1.51 -1.88 -17.53
C GLU D 91 -2.63 -2.89 -17.66
N TYR D 92 -2.45 -3.89 -18.51
CA TYR D 92 -3.47 -4.91 -18.79
C TYR D 92 -2.80 -6.23 -18.49
N THR D 93 -3.34 -7.00 -17.55
CA THR D 93 -2.74 -8.32 -17.15
C THR D 93 -3.22 -9.41 -18.11
N LEU D 94 -2.27 -10.25 -18.57
CA LEU D 94 -2.54 -11.30 -19.54
C LEU D 94 -3.36 -12.41 -18.93
N PRO D 95 -4.19 -13.10 -19.73
CA PRO D 95 -5.10 -14.15 -19.19
C PRO D 95 -4.51 -15.46 -18.74
N ASN D 96 -3.32 -15.79 -19.18
CA ASN D 96 -2.63 -16.98 -18.70
C ASN D 96 -1.40 -16.54 -17.91
N PRO D 97 -1.10 -17.24 -16.82
CA PRO D 97 0.09 -16.87 -16.03
C PRO D 97 1.41 -17.00 -16.79
N ASP D 98 2.41 -16.18 -16.39
CA ASP D 98 3.79 -16.34 -16.82
C ASP D 98 3.96 -16.35 -18.34
N SER D 99 3.27 -15.49 -19.05
CA SER D 99 3.33 -15.49 -20.51
C SER D 99 4.65 -14.89 -21.05
N ALA D 100 5.28 -13.97 -20.27
CA ALA D 100 6.53 -13.33 -20.65
C ALA D 100 6.42 -12.61 -22.02
N PRO D 101 5.51 -11.60 -22.10
CA PRO D 101 5.36 -10.78 -23.28
C PRO D 101 6.68 -10.08 -23.62
N TYR D 102 6.97 -10.01 -24.93
CA TYR D 102 8.25 -9.52 -25.34
C TYR D 102 8.16 -8.49 -26.47
N GLY D 103 8.09 -8.94 -27.70
CA GLY D 103 8.00 -8.02 -28.84
C GLY D 103 6.63 -7.41 -28.97
N ILE D 104 6.57 -6.23 -29.56
CA ILE D 104 5.29 -5.52 -29.71
C ILE D 104 5.32 -4.60 -30.89
N THR D 105 4.15 -4.44 -31.55
CA THR D 105 4.03 -3.65 -32.75
C THR D 105 2.56 -3.38 -33.09
N GLU D 106 2.31 -2.49 -34.02
CA GLU D 106 0.90 -2.19 -34.42
C GLU D 106 0.52 -3.01 -35.62
N GLY D 107 -0.72 -3.54 -35.61
CA GLY D 107 -1.22 -4.38 -36.66
C GLY D 107 -1.87 -3.55 -37.74
N PRO D 108 -2.38 -4.24 -38.74
CA PRO D 108 -2.96 -3.59 -39.91
C PRO D 108 -4.26 -2.96 -39.63
N ASN D 109 -5.01 -3.37 -38.58
CA ASN D 109 -6.23 -2.69 -38.22
C ASN D 109 -6.08 -1.86 -36.95
N GLY D 110 -4.88 -1.43 -36.65
CA GLY D 110 -4.61 -0.58 -35.48
C GLY D 110 -4.68 -1.20 -34.10
N ASP D 111 -5.02 -2.50 -33.95
CA ASP D 111 -4.76 -3.25 -32.69
C ASP D 111 -3.23 -3.36 -32.43
N ILE D 112 -2.86 -3.64 -31.17
CA ILE D 112 -1.48 -3.79 -30.81
C ILE D 112 -1.22 -5.28 -30.63
N TRP D 113 -0.21 -5.77 -31.32
CA TRP D 113 0.15 -7.17 -31.36
C TRP D 113 1.48 -7.39 -30.70
N PHE D 114 1.60 -8.54 -30.02
CA PHE D 114 2.79 -8.83 -29.19
C PHE D 114 3.09 -10.33 -29.13
N THR D 115 4.34 -10.68 -28.91
CA THR D 115 4.69 -12.06 -28.69
C THR D 115 4.66 -12.39 -27.24
N GLU D 116 4.45 -13.68 -26.92
CA GLU D 116 4.52 -14.13 -25.53
C GLU D 116 5.55 -15.25 -25.60
N MET D 117 6.73 -14.98 -25.05
CA MET D 117 7.87 -15.88 -25.21
CA MET D 117 7.86 -15.86 -25.24
C MET D 117 7.70 -17.20 -24.54
N ASN D 118 7.40 -17.19 -23.26
CA ASN D 118 7.16 -18.43 -22.54
CA ASN D 118 7.14 -18.41 -22.51
C ASN D 118 5.74 -18.93 -22.82
N GLY D 119 4.78 -18.00 -23.03
CA GLY D 119 3.39 -18.38 -23.36
C GLY D 119 3.20 -19.17 -24.66
N ASN D 120 4.16 -19.05 -25.58
CA ASN D 120 4.13 -19.71 -26.87
C ASN D 120 2.90 -19.28 -27.68
N ARG D 121 2.63 -17.97 -27.64
CA ARG D 121 1.45 -17.37 -28.29
C ARG D 121 1.77 -16.02 -28.85
N ILE D 122 0.90 -15.58 -29.72
CA ILE D 122 0.87 -14.23 -30.21
C ILE D 122 -0.40 -13.61 -29.64
N GLY D 123 -0.27 -12.41 -29.08
CA GLY D 123 -1.40 -11.70 -28.59
C GLY D 123 -1.71 -10.43 -29.35
N ARG D 124 -2.93 -9.98 -29.15
CA ARG D 124 -3.50 -8.80 -29.78
C ARG D 124 -4.37 -8.06 -28.76
N ILE D 125 -4.22 -6.75 -28.64
CA ILE D 125 -5.01 -5.98 -27.68
C ILE D 125 -5.61 -4.73 -28.39
N THR D 126 -6.89 -4.52 -28.15
CA THR D 126 -7.65 -3.44 -28.73
C THR D 126 -7.49 -2.13 -27.91
N ASP D 127 -7.90 -1.02 -28.55
CA ASP D 127 -7.98 0.31 -28.00
C ASP D 127 -8.69 0.31 -26.65
N ASP D 128 -9.75 -0.49 -26.53
CA ASP D 128 -10.42 -0.64 -25.25
C ASP D 128 -9.99 -1.79 -24.36
N GLY D 129 -8.75 -2.27 -24.50
CA GLY D 129 -8.14 -3.18 -23.55
C GLY D 129 -8.47 -4.67 -23.70
N LYS D 130 -9.19 -5.08 -24.73
CA LYS D 130 -9.58 -6.46 -24.90
C LYS D 130 -8.46 -7.26 -25.55
N ILE D 131 -8.20 -8.42 -24.99
CA ILE D 131 -7.06 -9.26 -25.40
C ILE D 131 -7.55 -10.49 -26.11
N ARG D 132 -6.93 -10.82 -27.24
CA ARG D 132 -7.19 -12.14 -27.86
C ARG D 132 -5.84 -12.73 -28.16
N GLU D 133 -5.77 -14.05 -28.05
CA GLU D 133 -4.49 -14.74 -28.30
C GLU D 133 -4.58 -15.88 -29.29
N TYR D 134 -3.44 -16.14 -29.92
CA TYR D 134 -3.30 -17.24 -30.85
C TYR D 134 -2.13 -18.14 -30.44
N GLU D 135 -2.40 -19.37 -30.15
CA GLU D 135 -1.38 -20.33 -29.80
C GLU D 135 -0.55 -20.69 -31.03
N LEU D 136 0.76 -20.76 -30.85
CA LEU D 136 1.68 -21.30 -31.82
C LEU D 136 1.53 -22.81 -31.90
N PRO D 137 1.65 -23.37 -33.10
CA PRO D 137 1.38 -24.81 -33.24
C PRO D 137 2.44 -25.75 -32.62
N ASN D 138 3.69 -25.33 -32.60
CA ASN D 138 4.81 -26.17 -32.16
C ASN D 138 5.27 -25.72 -30.75
N LYS D 139 5.32 -26.67 -29.83
CA LYS D 139 5.74 -26.39 -28.45
C LYS D 139 7.14 -25.70 -28.42
N GLY D 140 7.36 -24.79 -27.47
CA GLY D 140 8.70 -24.25 -27.17
C GLY D 140 9.27 -23.44 -28.34
N SER D 141 8.45 -22.66 -28.99
CA SER D 141 8.92 -21.89 -30.19
C SER D 141 9.63 -20.62 -29.82
N TYR D 142 9.35 -20.06 -28.64
CA TYR D 142 10.01 -18.81 -28.15
C TYR D 142 9.87 -17.63 -29.12
N PRO D 143 8.61 -17.19 -29.37
CA PRO D 143 8.42 -16.04 -30.27
C PRO D 143 9.03 -14.78 -29.64
N SER D 144 9.75 -14.00 -30.45
CA SER D 144 10.62 -12.92 -29.95
C SER D 144 10.14 -11.57 -30.54
N PHE D 145 10.82 -11.09 -31.56
CA PHE D 145 10.46 -9.79 -32.15
C PHE D 145 9.35 -9.99 -33.14
N ILE D 146 8.56 -8.92 -33.29
CA ILE D 146 7.43 -8.87 -34.22
C ILE D 146 7.33 -7.52 -34.94
N THR D 147 6.87 -7.58 -36.21
CA THR D 147 6.73 -6.40 -37.08
C THR D 147 5.64 -6.58 -38.11
N LEU D 148 5.15 -5.48 -38.66
CA LEU D 148 4.11 -5.54 -39.65
C LEU D 148 4.69 -5.63 -41.06
N GLY D 149 4.25 -6.64 -41.78
CA GLY D 149 4.70 -6.83 -43.17
C GLY D 149 3.97 -5.97 -44.20
N SER D 150 4.47 -5.97 -45.44
CA SER D 150 3.87 -5.19 -46.51
C SER D 150 2.58 -5.86 -47.01
N ASP D 151 2.40 -7.15 -46.70
CA ASP D 151 1.20 -7.87 -46.93
C ASP D 151 0.15 -7.75 -45.81
N ASN D 152 0.38 -6.88 -44.83
CA ASN D 152 -0.54 -6.62 -43.74
C ASN D 152 -0.70 -7.77 -42.75
N ALA D 153 0.24 -8.70 -42.79
CA ALA D 153 0.35 -9.74 -41.80
C ALA D 153 1.47 -9.38 -40.83
N LEU D 154 1.42 -9.96 -39.66
CA LEU D 154 2.46 -9.72 -38.66
C LEU D 154 3.53 -10.80 -38.84
N TRP D 155 4.78 -10.39 -38.82
CA TRP D 155 5.86 -11.32 -39.00
C TRP D 155 6.75 -11.33 -37.73
N PHE D 156 7.17 -12.51 -37.29
CA PHE D 156 7.86 -12.65 -36.03
C PHE D 156 8.89 -13.79 -36.07
N THR D 157 9.86 -13.67 -35.19
CA THR D 157 10.91 -14.70 -35.08
C THR D 157 10.50 -15.71 -34.02
N GLU D 158 10.74 -16.97 -34.33
CA GLU D 158 10.56 -18.06 -33.35
C GLU D 158 11.96 -18.57 -32.99
N ASN D 159 12.49 -18.01 -31.91
CA ASN D 159 13.91 -18.16 -31.57
C ASN D 159 14.36 -19.60 -31.32
N GLN D 160 13.44 -20.43 -30.84
CA GLN D 160 13.72 -21.82 -30.59
C GLN D 160 12.93 -22.76 -31.50
N ASN D 161 12.23 -22.28 -32.51
CA ASN D 161 11.69 -23.16 -33.55
C ASN D 161 12.44 -22.92 -34.86
N ASN D 162 13.51 -22.15 -34.79
CA ASN D 162 14.32 -21.80 -35.92
C ASN D 162 13.49 -21.44 -37.15
N ALA D 163 12.56 -20.52 -36.98
CA ALA D 163 11.61 -20.22 -38.02
C ALA D 163 11.16 -18.74 -37.93
N ILE D 164 10.63 -18.27 -39.06
CA ILE D 164 9.96 -17.02 -39.16
C ILE D 164 8.49 -17.35 -39.27
N GLY D 165 7.69 -16.69 -38.42
CA GLY D 165 6.24 -16.87 -38.42
C GLY D 165 5.57 -15.69 -39.11
N ARG D 166 4.44 -16.00 -39.72
CA ARG D 166 3.49 -15.05 -40.26
C ARG D 166 2.08 -15.33 -39.78
N ILE D 167 1.42 -14.30 -39.22
CA ILE D 167 0.06 -14.44 -38.72
C ILE D 167 -0.78 -13.31 -39.25
N THR D 168 -1.87 -13.70 -39.92
CA THR D 168 -2.79 -12.76 -40.51
C THR D 168 -3.69 -12.20 -39.44
N GLU D 169 -4.36 -11.12 -39.80
CA GLU D 169 -5.39 -10.53 -38.95
C GLU D 169 -6.49 -11.52 -38.61
N SER D 170 -6.70 -12.53 -39.45
CA SER D 170 -7.71 -13.58 -39.17
C SER D 170 -7.14 -14.65 -38.28
N GLY D 171 -5.86 -14.58 -37.93
CA GLY D 171 -5.23 -15.61 -37.06
C GLY D 171 -4.63 -16.82 -37.80
N ASP D 172 -4.42 -16.72 -39.13
CA ASP D 172 -3.82 -17.78 -39.89
C ASP D 172 -2.33 -17.75 -39.68
N ILE D 173 -1.76 -18.85 -39.26
CA ILE D 173 -0.31 -18.92 -39.03
C ILE D 173 0.43 -19.78 -40.04
N THR D 174 1.51 -19.25 -40.61
CA THR D 174 2.37 -19.99 -41.48
C THR D 174 3.78 -19.81 -40.95
N GLU D 175 4.60 -20.85 -41.00
CA GLU D 175 5.98 -20.75 -40.52
C GLU D 175 6.98 -21.19 -41.63
N PHE D 176 8.09 -20.49 -41.73
CA PHE D 176 9.15 -20.74 -42.68
C PHE D 176 10.44 -21.12 -41.93
N LYS D 177 10.91 -22.32 -42.18
CA LYS D 177 12.09 -22.83 -41.46
C LYS D 177 13.34 -22.17 -42.06
N ILE D 178 14.19 -21.72 -41.17
CA ILE D 178 15.43 -21.04 -41.56
C ILE D 178 16.40 -22.10 -42.04
N PRO D 179 17.06 -21.88 -43.17
CA PRO D 179 17.92 -23.01 -43.62
C PRO D 179 19.19 -23.31 -42.85
N THR D 180 19.63 -22.37 -42.02
CA THR D 180 20.73 -22.56 -41.09
C THR D 180 20.12 -23.18 -39.83
N PRO D 181 20.51 -24.40 -39.46
CA PRO D 181 19.86 -25.04 -38.29
C PRO D 181 20.11 -24.35 -36.95
N ALA D 182 19.09 -24.30 -36.08
CA ALA D 182 19.27 -23.81 -34.72
C ALA D 182 19.92 -22.46 -34.70
N SER D 183 19.44 -21.58 -35.56
CA SER D 183 20.14 -20.37 -35.88
C SER D 183 19.81 -19.28 -34.88
N GLY D 184 18.74 -19.45 -34.10
CA GLY D 184 18.32 -18.42 -33.12
C GLY D 184 17.94 -17.05 -33.66
N PRO D 185 16.88 -16.98 -34.44
CA PRO D 185 16.48 -15.65 -34.89
C PRO D 185 15.98 -14.79 -33.77
N VAL D 186 16.35 -13.50 -33.82
CA VAL D 186 15.95 -12.54 -32.78
C VAL D 186 15.23 -11.36 -33.45
N GLY D 187 15.94 -10.28 -33.73
CA GLY D 187 15.31 -9.17 -34.40
C GLY D 187 14.70 -9.44 -35.75
N ILE D 188 13.64 -8.71 -36.01
CA ILE D 188 13.05 -8.66 -37.33
C ILE D 188 12.47 -7.26 -37.63
N THR D 189 12.48 -6.87 -38.92
CA THR D 189 11.96 -5.58 -39.27
C THR D 189 11.52 -5.62 -40.74
N LYS D 190 10.77 -4.64 -41.22
CA LYS D 190 10.39 -4.55 -42.60
C LYS D 190 11.47 -3.75 -43.35
N GLY D 191 12.01 -4.30 -44.43
CA GLY D 191 12.97 -3.54 -45.25
C GLY D 191 12.22 -2.59 -46.16
N ASN D 192 12.88 -1.53 -46.66
CA ASN D 192 12.21 -0.70 -47.68
C ASN D 192 11.94 -1.44 -49.00
N ASP D 193 12.70 -2.50 -49.27
CA ASP D 193 12.39 -3.43 -50.38
C ASP D 193 11.13 -4.31 -50.17
N ASP D 194 10.40 -4.13 -49.06
CA ASP D 194 9.12 -4.79 -48.76
C ASP D 194 9.28 -6.26 -48.45
N ALA D 195 10.52 -6.68 -48.29
CA ALA D 195 10.82 -7.93 -47.62
C ALA D 195 11.06 -7.74 -46.07
N LEU D 196 10.94 -8.83 -45.31
CA LEU D 196 11.34 -8.81 -43.90
C LEU D 196 12.80 -9.20 -43.70
N TRP D 197 13.48 -8.47 -42.82
CA TRP D 197 14.87 -8.72 -42.56
C TRP D 197 15.00 -9.08 -41.08
N PHE D 198 15.83 -10.09 -40.79
CA PHE D 198 15.98 -10.61 -39.44
C PHE D 198 17.44 -10.93 -39.17
N VAL D 199 17.76 -11.13 -37.89
CA VAL D 199 19.09 -11.56 -37.51
C VAL D 199 19.05 -12.95 -36.89
N GLU D 200 20.14 -13.69 -37.10
CA GLU D 200 20.36 -14.99 -36.45
C GLU D 200 21.47 -14.86 -35.42
N ILE D 201 21.14 -14.98 -34.14
CA ILE D 201 22.12 -14.68 -33.10
C ILE D 201 23.19 -15.78 -32.96
N ILE D 202 22.77 -17.03 -33.16
CA ILE D 202 23.69 -18.15 -33.25
C ILE D 202 24.21 -18.32 -34.69
N GLY D 203 23.34 -18.18 -35.67
CA GLY D 203 23.78 -18.44 -37.06
C GLY D 203 24.83 -17.42 -37.55
N ASN D 204 24.77 -16.21 -37.00
CA ASN D 204 25.72 -15.12 -37.26
C ASN D 204 25.56 -14.65 -38.70
N LYS D 205 24.30 -14.47 -39.04
CA LYS D 205 23.86 -14.08 -40.36
C LYS D 205 22.72 -13.06 -40.22
N ILE D 206 22.54 -12.31 -41.31
CA ILE D 206 21.37 -11.47 -41.56
C ILE D 206 20.51 -12.23 -42.56
N GLY D 207 19.20 -12.25 -42.28
CA GLY D 207 18.24 -13.00 -43.11
C GLY D 207 17.30 -12.04 -43.83
N ARG D 208 16.88 -12.44 -45.00
CA ARG D 208 15.84 -11.75 -45.74
C ARG D 208 14.79 -12.81 -46.08
N ILE D 209 13.52 -12.50 -45.84
CA ILE D 209 12.44 -13.39 -46.21
C ILE D 209 11.40 -12.55 -46.90
N THR D 210 11.05 -12.93 -48.13
CA THR D 210 9.98 -12.26 -48.88
C THR D 210 8.64 -12.63 -48.30
N THR D 211 7.61 -11.84 -48.63
CA THR D 211 6.30 -12.15 -48.07
C THR D 211 5.73 -13.46 -48.61
N SER D 212 6.33 -14.03 -49.64
CA SER D 212 5.96 -15.41 -50.01
C SER D 212 6.86 -16.45 -49.38
N GLY D 213 7.76 -16.02 -48.50
CA GLY D 213 8.52 -16.93 -47.66
C GLY D 213 9.87 -17.39 -48.20
N GLU D 214 10.34 -16.74 -49.27
CA GLU D 214 11.64 -17.04 -49.86
C GLU D 214 12.76 -16.44 -49.04
N ILE D 215 13.62 -17.28 -48.48
CA ILE D 215 14.72 -16.86 -47.60
C ILE D 215 16.08 -16.84 -48.26
N THR D 216 16.81 -15.76 -47.99
CA THR D 216 18.21 -15.62 -48.38
C THR D 216 18.98 -15.12 -47.16
N GLU D 217 20.25 -15.46 -47.08
CA GLU D 217 21.04 -15.17 -45.87
C GLU D 217 22.36 -14.57 -46.28
N PHE D 218 22.91 -13.75 -45.40
CA PHE D 218 24.14 -13.01 -45.59
C PHE D 218 24.99 -13.15 -44.33
N LYS D 219 26.25 -13.63 -44.49
CA LYS D 219 27.13 -13.90 -43.34
C LYS D 219 27.63 -12.59 -42.75
N ILE D 220 27.58 -12.54 -41.44
CA ILE D 220 28.12 -11.36 -40.77
C ILE D 220 29.66 -11.48 -40.71
N PRO D 221 30.40 -10.42 -41.09
CA PRO D 221 31.88 -10.59 -41.10
C PRO D 221 32.58 -10.93 -39.75
N THR D 222 32.17 -10.31 -38.66
CA THR D 222 32.78 -10.56 -37.35
C THR D 222 32.20 -11.83 -36.77
N PRO D 223 33.06 -12.80 -36.38
CA PRO D 223 32.56 -14.04 -35.81
C PRO D 223 31.96 -13.79 -34.42
N ASN D 224 31.00 -14.64 -34.05
CA ASN D 224 30.33 -14.55 -32.75
C ASN D 224 29.89 -13.15 -32.45
N ALA D 225 29.33 -12.48 -33.45
CA ALA D 225 28.90 -11.10 -33.29
C ALA D 225 27.64 -10.98 -32.44
N ARG D 226 26.83 -12.05 -32.34
CA ARG D 226 25.59 -12.06 -31.55
C ARG D 226 24.73 -10.88 -31.93
N PRO D 227 24.29 -10.84 -33.18
CA PRO D 227 23.41 -9.75 -33.51
C PRO D 227 22.07 -9.84 -32.77
N HIS D 228 21.52 -8.68 -32.46
CA HIS D 228 20.28 -8.64 -31.68
C HIS D 228 19.03 -8.03 -32.40
N ALA D 229 19.12 -6.73 -32.67
CA ALA D 229 18.04 -5.98 -33.28
C ALA D 229 18.40 -5.44 -34.68
N ILE D 230 17.38 -5.11 -35.47
CA ILE D 230 17.54 -4.64 -36.85
C ILE D 230 16.47 -3.67 -37.22
N THR D 231 16.85 -2.70 -38.03
CA THR D 231 15.94 -1.70 -38.53
C THR D 231 16.32 -1.27 -39.96
N ALA D 232 15.35 -0.73 -40.70
CA ALA D 232 15.65 -0.21 -42.02
C ALA D 232 16.28 1.14 -41.85
N GLY D 233 17.20 1.44 -42.75
CA GLY D 233 17.77 2.79 -42.91
C GLY D 233 17.17 3.47 -44.14
N ALA D 234 18.00 4.23 -44.84
CA ALA D 234 17.60 4.90 -46.09
C ALA D 234 17.72 3.94 -47.26
N GLY D 235 16.86 4.08 -48.26
CA GLY D 235 16.91 3.17 -49.39
C GLY D 235 16.89 1.73 -48.95
N ILE D 236 17.83 0.93 -49.48
CA ILE D 236 17.81 -0.53 -49.20
C ILE D 236 18.66 -0.93 -47.96
N ASP D 237 19.13 0.07 -47.23
CA ASP D 237 19.94 -0.22 -46.03
C ASP D 237 19.18 -0.94 -44.93
N LEU D 238 19.86 -1.87 -44.23
CA LEU D 238 19.45 -2.39 -42.90
C LEU D 238 20.57 -2.21 -41.92
N TRP D 239 20.22 -1.76 -40.71
CA TRP D 239 21.21 -1.56 -39.65
C TRP D 239 20.92 -2.46 -38.47
N PHE D 240 21.96 -3.03 -37.86
CA PHE D 240 21.73 -3.96 -36.81
C PHE D 240 22.80 -3.88 -35.76
N THR D 241 22.43 -4.30 -34.56
CA THR D 241 23.29 -4.29 -33.40
C THR D 241 24.00 -5.62 -33.23
N GLU D 242 25.32 -5.52 -33.06
CA GLU D 242 26.16 -6.66 -32.72
C GLU D 242 26.44 -6.55 -31.22
N TRP D 243 25.57 -7.17 -30.43
CA TRP D 243 25.65 -7.13 -28.99
C TRP D 243 26.98 -7.70 -28.52
N GLY D 244 27.41 -8.76 -29.18
CA GLY D 244 28.58 -9.51 -28.76
C GLY D 244 29.85 -8.79 -29.17
N ALA D 245 29.85 -8.23 -30.39
CA ALA D 245 31.09 -7.66 -30.96
C ALA D 245 31.27 -6.19 -30.62
N ASN D 246 30.28 -5.57 -29.97
CA ASN D 246 30.23 -4.13 -29.73
C ASN D 246 30.40 -3.31 -31.00
N LYS D 247 29.58 -3.66 -32.01
CA LYS D 247 29.58 -2.94 -33.28
C LYS D 247 28.15 -2.64 -33.78
N ILE D 248 28.06 -1.71 -34.74
CA ILE D 248 26.83 -1.49 -35.49
C ILE D 248 27.08 -1.98 -36.91
N GLY D 249 26.30 -2.95 -37.37
CA GLY D 249 26.40 -3.42 -38.75
C GLY D 249 25.47 -2.69 -39.67
N ARG D 250 25.81 -2.69 -40.95
CA ARG D 250 24.97 -2.13 -41.99
C ARG D 250 25.09 -2.98 -43.22
N LEU D 251 23.97 -3.50 -43.66
CA LEU D 251 23.83 -4.11 -44.98
C LEU D 251 23.35 -3.08 -45.96
N THR D 252 24.14 -2.85 -47.01
CA THR D 252 23.86 -1.77 -47.93
C THR D 252 24.00 -2.33 -49.36
N SER D 253 24.38 -1.48 -50.32
CA SER D 253 24.23 -1.83 -51.74
C SER D 253 24.98 -3.12 -52.03
N ASN D 254 24.31 -4.01 -52.78
CA ASN D 254 24.88 -5.28 -53.17
C ASN D 254 25.04 -6.27 -52.03
N ASN D 255 24.20 -6.07 -51.03
CA ASN D 255 24.14 -6.91 -49.86
C ASN D 255 25.49 -7.03 -49.18
N ILE D 256 26.27 -5.97 -49.28
CA ILE D 256 27.55 -5.96 -48.61
C ILE D 256 27.34 -5.45 -47.17
N ILE D 257 27.97 -6.11 -46.21
CA ILE D 257 27.80 -5.79 -44.80
C ILE D 257 29.02 -5.01 -44.32
N GLU D 258 28.80 -3.79 -43.85
CA GLU D 258 29.85 -2.98 -43.22
C GLU D 258 29.69 -3.12 -41.72
N GLU D 259 30.73 -2.85 -40.96
CA GLU D 259 30.66 -2.89 -39.50
C GLU D 259 31.42 -1.67 -38.94
N TYR D 260 30.82 -1.06 -37.93
CA TYR D 260 31.28 0.20 -37.30
C TYR D 260 31.49 -0.08 -35.80
N PRO D 261 32.76 -0.21 -35.36
CA PRO D 261 32.95 -0.42 -33.92
C PRO D 261 32.49 0.74 -33.09
N ILE D 262 31.91 0.42 -31.95
CA ILE D 262 31.38 1.46 -31.04
C ILE D 262 32.48 2.15 -30.24
N GLN D 263 33.48 1.38 -29.80
CA GLN D 263 34.68 1.91 -29.13
C GLN D 263 34.35 2.48 -27.76
N ILE D 264 33.27 1.99 -27.18
CA ILE D 264 33.05 2.09 -25.74
C ILE D 264 33.15 0.67 -25.24
N LYS D 265 33.73 0.48 -24.06
CA LYS D 265 33.84 -0.89 -23.61
C LYS D 265 32.63 -1.42 -22.87
N SER D 266 32.37 -2.66 -23.28
CA SER D 266 31.20 -3.39 -22.86
C SER D 266 29.96 -2.61 -23.23
N ALA D 267 29.97 -2.04 -24.43
CA ALA D 267 28.86 -1.20 -24.88
C ALA D 267 27.58 -2.02 -24.89
N GLU D 268 27.68 -3.25 -25.38
CA GLU D 268 26.58 -4.22 -25.40
C GLU D 268 25.27 -3.63 -25.94
N PRO D 269 25.28 -3.25 -27.22
CA PRO D 269 24.13 -2.59 -27.80
C PRO D 269 22.99 -3.60 -27.91
N HIS D 270 21.79 -3.11 -27.61
CA HIS D 270 20.57 -3.90 -27.75
C HIS D 270 19.65 -3.32 -28.86
N GLY D 271 18.65 -2.49 -28.51
CA GLY D 271 17.68 -1.99 -29.49
C GLY D 271 18.25 -1.01 -30.52
N ILE D 272 17.62 -0.94 -31.70
CA ILE D 272 18.09 0.01 -32.70
C ILE D 272 16.91 0.59 -33.43
N CYS D 273 17.02 1.85 -33.82
CA CYS D 273 15.96 2.48 -34.63
CA CYS D 273 15.97 2.50 -34.62
C CYS D 273 16.54 3.60 -35.54
N PHE D 274 15.73 4.09 -36.47
CA PHE D 274 16.22 5.07 -37.49
C PHE D 274 15.19 6.17 -37.58
N ASP D 275 15.60 7.46 -37.49
CA ASP D 275 14.65 8.59 -37.55
C ASP D 275 14.65 9.25 -38.90
N GLY D 276 15.26 8.60 -39.87
CA GLY D 276 15.34 9.15 -41.20
C GLY D 276 16.68 9.72 -41.52
N GLU D 277 17.44 10.09 -40.50
CA GLU D 277 18.80 10.65 -40.65
C GLU D 277 19.81 9.88 -39.83
N THR D 278 19.41 9.60 -38.58
CA THR D 278 20.29 9.07 -37.53
C THR D 278 19.73 7.74 -37.06
N ILE D 279 20.68 6.83 -36.88
CA ILE D 279 20.55 5.55 -36.30
C ILE D 279 20.81 5.68 -34.75
N TRP D 280 19.80 5.31 -33.97
CA TRP D 280 19.84 5.40 -32.54
C TRP D 280 19.90 3.99 -31.98
N PHE D 281 20.71 3.75 -30.97
CA PHE D 281 20.81 2.43 -30.36
C PHE D 281 21.01 2.55 -28.84
N ALA D 282 20.39 1.65 -28.10
CA ALA D 282 20.54 1.59 -26.69
C ALA D 282 21.74 0.73 -26.29
N MET D 283 22.59 1.22 -25.39
CA MET D 283 23.68 0.48 -24.88
C MET D 283 23.48 0.22 -23.38
N GLU D 284 24.03 -0.89 -22.94
CA GLU D 284 23.95 -1.30 -21.57
C GLU D 284 24.36 -0.23 -20.57
N CYS D 285 25.41 0.52 -20.90
CA CYS D 285 26.05 1.45 -19.94
C CYS D 285 25.38 2.84 -19.85
N ASP D 286 24.05 2.86 -19.85
CA ASP D 286 23.31 4.08 -19.72
C ASP D 286 23.68 5.15 -20.71
N LYS D 287 23.84 4.71 -21.96
CA LYS D 287 24.07 5.63 -23.04
C LYS D 287 23.19 5.21 -24.17
N ILE D 288 22.91 6.19 -25.01
CA ILE D 288 22.25 6.01 -26.23
C ILE D 288 23.25 6.44 -27.28
N GLY D 289 23.44 5.60 -28.29
CA GLY D 289 24.34 5.91 -29.39
C GLY D 289 23.55 6.54 -30.52
N LYS D 290 24.21 7.46 -31.23
CA LYS D 290 23.66 8.16 -32.41
C LYS D 290 24.71 8.07 -33.52
N LEU D 291 24.35 7.46 -34.64
CA LEU D 291 25.28 7.26 -35.76
C LEU D 291 24.64 7.92 -36.95
N THR D 292 25.32 8.91 -37.49
CA THR D 292 24.81 9.51 -38.73
C THR D 292 25.79 9.70 -39.92
N LEU D 293 25.40 9.14 -41.06
CA LEU D 293 26.24 9.19 -42.24
C LEU D 293 26.38 10.64 -42.71
N ILE D 294 27.59 11.12 -42.95
CA ILE D 294 27.79 12.54 -43.33
C ILE D 294 28.07 12.57 -44.81
N LYS D 295 28.96 11.71 -45.24
CA LYS D 295 28.80 11.13 -46.56
C LYS D 295 29.02 9.63 -46.42
CL CL E . -10.38 -0.33 11.20
CL CL F . 3.48 21.14 46.88
CL CL G . -27.76 -11.76 -11.08
CL CL H . -4.88 -5.13 -36.08
CL CL I . -1.76 -15.15 -21.55
#